data_7B6O
#
_entry.id   7B6O
#
_cell.length_a   58.890
_cell.length_b   59.310
_cell.length_c   74.600
_cell.angle_alpha   97.08
_cell.angle_beta   91.52
_cell.angle_gamma   104.67
#
_symmetry.space_group_name_H-M   'P 1'
#
loop_
_entity.id
_entity.type
_entity.pdbx_description
1 polymer 'UDP-N-acetylmuramoyl-L-alanyl-D-glutamate-2,6-diaminopimelate ligase'
2 non-polymer 'ISOPROPYL ALCOHOL'
3 water water
#
_entity_poly.entity_id   1
_entity_poly.type   'polypeptide(L)'
_entity_poly.pdbx_seq_one_letter_code
;SMADRNLRDLLAPWVPDAPSRALREMTLDSRVAAAGDLFVAVVGHQADGRRYIPQAIAQGVAAIIAEAKDEATDGEIREM
HGVPVIYLSQLNERLSALAGRFYHEPSDNLRLVGVTGTNGKTTTTQLLAQWSQLLGEISAVMGTVGNGLLGKVIPTENTT
GSAVDVQHELAGLVDQGATFCAMEVSSHGLVQHRVAALKFAASVFTNLSRDHLDYHGDMEHYEAAKWLLYSEHHCGQAII
NADDEVGRRWLAKLPDAVAVSMEDHINPNSHGRWLKATEVNYHDSGATIRFSSSWGDGEIESHLMGAFNVSNLLLALATL
LALGYPLADLLKTAARLQPVSGRMEVFTAPGKPTVVVDYAHTPDALEKALQAARLHCAGKLWCVFGCGGDRDKGKRPLMG
AIAEEFADVAVVTDDNPRTEEPRAIINDILAGMLDAGHAKVMEGRAEAVTSAVMQAKENDVVLVAGKGHEDYQIVGNQRL
DYSDRVTVARLLGVIA
;
_entity_poly.pdbx_strand_id   A,B
#
loop_
_chem_comp.id
_chem_comp.type
_chem_comp.name
_chem_comp.formula
IPA non-polymer 'ISOPROPYL ALCOHOL' 'C3 H8 O'
#
# COMPACT_ATOMS: atom_id res chain seq x y z
N ARG A 5 11.61 -20.82 4.47
CA ARG A 5 10.45 -21.48 3.81
C ARG A 5 10.18 -22.86 4.40
N ASN A 6 9.11 -22.98 5.18
CA ASN A 6 8.71 -24.21 5.84
C ASN A 6 7.32 -24.65 5.41
N LEU A 7 7.19 -25.94 5.05
CA LEU A 7 5.93 -26.56 4.67
C LEU A 7 4.83 -26.31 5.71
N ARG A 8 5.16 -26.40 7.01
CA ARG A 8 4.22 -26.16 8.09
C ARG A 8 3.60 -24.75 8.03
N ASP A 9 4.46 -23.74 7.97
N ASP A 9 4.47 -23.74 7.97
CA ASP A 9 4.03 -22.35 7.89
CA ASP A 9 4.07 -22.33 7.89
C ASP A 9 3.33 -22.06 6.55
C ASP A 9 3.34 -22.05 6.56
N LEU A 10 3.83 -22.68 5.48
CA LEU A 10 3.26 -22.55 4.15
C LEU A 10 1.77 -22.88 4.17
N LEU A 11 1.42 -24.01 4.80
CA LEU A 11 0.05 -24.55 4.82
C LEU A 11 -0.79 -24.16 6.05
N ALA A 12 -0.21 -23.40 6.98
CA ALA A 12 -0.89 -22.93 8.19
C ALA A 12 -2.31 -22.39 7.99
N PRO A 13 -2.60 -21.59 6.95
CA PRO A 13 -3.97 -21.13 6.67
C PRO A 13 -5.01 -22.18 6.21
N TRP A 14 -4.55 -23.33 5.69
CA TRP A 14 -5.43 -24.34 5.11
C TRP A 14 -5.37 -25.71 5.77
N VAL A 15 -4.15 -26.14 6.12
CA VAL A 15 -3.91 -27.46 6.70
C VAL A 15 -3.15 -27.31 8.02
N PRO A 16 -3.85 -27.35 9.18
CA PRO A 16 -3.17 -27.23 10.46
C PRO A 16 -2.41 -28.53 10.76
N ASP A 17 -1.36 -28.42 11.59
CA ASP A 17 -0.55 -29.57 12.00
C ASP A 17 0.13 -30.29 10.82
N ALA A 18 0.45 -29.54 9.76
CA ALA A 18 1.18 -30.07 8.63
C ALA A 18 2.62 -30.30 9.10
N PRO A 19 3.32 -31.35 8.61
CA PRO A 19 4.71 -31.60 9.00
C PRO A 19 5.66 -30.42 8.77
N SER A 20 6.75 -30.37 9.53
CA SER A 20 7.78 -29.36 9.40
C SER A 20 8.91 -29.85 8.48
N ARG A 21 9.10 -29.16 7.34
CA ARG A 21 10.19 -29.41 6.40
C ARG A 21 10.69 -28.10 5.79
N ALA A 22 12.01 -27.95 5.74
CA ALA A 22 12.64 -26.88 4.96
C ALA A 22 12.37 -27.17 3.49
N LEU A 23 11.95 -26.13 2.76
CA LEU A 23 11.65 -26.22 1.33
C LEU A 23 12.60 -25.30 0.58
N ARG A 24 13.11 -25.77 -0.55
CA ARG A 24 14.03 -25.01 -1.39
C ARG A 24 13.23 -24.19 -2.42
N GLU A 25 12.98 -24.77 -3.61
CA GLU A 25 12.15 -24.17 -4.64
C GLU A 25 10.80 -24.87 -4.73
N MET A 26 9.85 -24.20 -5.37
CA MET A 26 8.53 -24.76 -5.64
C MET A 26 8.46 -24.99 -7.14
N THR A 27 8.05 -26.19 -7.55
CA THR A 27 7.94 -26.52 -8.98
C THR A 27 6.76 -27.45 -9.29
N LEU A 28 6.23 -27.28 -10.51
CA LEU A 28 5.22 -28.14 -11.12
C LEU A 28 5.85 -29.18 -12.05
N ASP A 29 7.16 -29.01 -12.30
CA ASP A 29 7.89 -29.83 -13.27
C ASP A 29 8.76 -30.87 -12.54
N SER A 30 8.35 -32.15 -12.63
CA SER A 30 9.04 -33.27 -11.97
C SER A 30 10.45 -33.51 -12.49
N ARG A 31 10.70 -33.17 -13.76
CA ARG A 31 12.02 -33.30 -14.38
C ARG A 31 13.08 -32.40 -13.71
N VAL A 32 12.69 -31.20 -13.27
CA VAL A 32 13.62 -30.28 -12.61
C VAL A 32 13.54 -30.32 -11.09
N ALA A 33 12.48 -30.94 -10.55
CA ALA A 33 12.34 -31.14 -9.11
C ALA A 33 13.61 -31.80 -8.59
N ALA A 34 14.27 -31.12 -7.65
CA ALA A 34 15.56 -31.54 -7.10
C ALA A 34 15.44 -31.71 -5.59
N ALA A 35 16.57 -31.98 -4.94
CA ALA A 35 16.62 -32.22 -3.51
C ALA A 35 16.18 -31.00 -2.73
N GLY A 36 15.27 -31.23 -1.77
CA GLY A 36 14.77 -30.19 -0.88
C GLY A 36 13.65 -29.33 -1.45
N ASP A 37 13.24 -29.61 -2.69
CA ASP A 37 12.19 -28.85 -3.38
C ASP A 37 10.79 -29.23 -2.87
N LEU A 38 9.83 -28.33 -3.17
CA LEU A 38 8.42 -28.63 -3.04
C LEU A 38 7.94 -28.90 -4.45
N PHE A 39 7.51 -30.15 -4.70
CA PHE A 39 6.91 -30.52 -5.96
C PHE A 39 5.38 -30.37 -5.83
N VAL A 40 4.76 -29.79 -6.86
CA VAL A 40 3.33 -29.54 -6.89
C VAL A 40 2.74 -30.30 -8.05
N ALA A 41 1.84 -31.24 -7.74
CA ALA A 41 1.29 -32.19 -8.70
C ALA A 41 -0.16 -31.82 -9.03
N VAL A 42 -0.37 -31.26 -10.23
CA VAL A 42 -1.64 -30.68 -10.62
C VAL A 42 -2.22 -31.41 -11.82
N VAL A 43 -3.54 -31.32 -11.98
CA VAL A 43 -4.26 -31.88 -13.12
C VAL A 43 -4.58 -30.76 -14.10
N GLY A 44 -4.21 -30.96 -15.37
CA GLY A 44 -4.43 -30.01 -16.44
C GLY A 44 -5.14 -30.65 -17.62
N HIS A 45 -4.82 -30.17 -18.83
CA HIS A 45 -5.39 -30.67 -20.09
C HIS A 45 -5.17 -32.19 -20.28
N GLN A 46 -5.92 -32.98 -19.49
CA GLN A 46 -5.74 -34.44 -19.34
C GLN A 46 -4.31 -34.87 -18.93
N ALA A 47 -3.54 -33.93 -18.38
CA ALA A 47 -2.20 -34.17 -17.86
C ALA A 47 -2.24 -34.14 -16.33
N ASP A 48 -2.00 -35.31 -15.72
CA ASP A 48 -2.04 -35.51 -14.27
C ASP A 48 -0.61 -35.58 -13.73
N GLY A 49 -0.22 -34.59 -12.93
CA GLY A 49 1.10 -34.53 -12.33
C GLY A 49 1.37 -35.57 -11.24
N ARG A 50 0.31 -36.16 -10.68
CA ARG A 50 0.43 -37.19 -9.66
C ARG A 50 1.13 -38.46 -10.19
N ARG A 51 1.06 -38.66 -11.50
CA ARG A 51 1.83 -39.68 -12.21
C ARG A 51 3.29 -39.70 -11.74
N TYR A 52 3.88 -38.51 -11.61
CA TYR A 52 5.30 -38.35 -11.35
C TYR A 52 5.72 -38.23 -9.88
N ILE A 53 4.82 -38.58 -8.95
CA ILE A 53 5.12 -38.53 -7.51
C ILE A 53 6.30 -39.43 -7.12
N PRO A 54 6.34 -40.71 -7.56
CA PRO A 54 7.53 -41.55 -7.35
C PRO A 54 8.88 -40.97 -7.88
N GLN A 55 8.89 -40.42 -9.09
CA GLN A 55 10.08 -39.77 -9.67
C GLN A 55 10.59 -38.65 -8.75
N ALA A 56 9.66 -37.84 -8.24
CA ALA A 56 9.95 -36.68 -7.41
C ALA A 56 10.46 -37.12 -6.05
N ILE A 57 9.85 -38.16 -5.49
CA ILE A 57 10.34 -38.80 -4.27
C ILE A 57 11.75 -39.32 -4.50
N ALA A 58 11.95 -40.03 -5.62
CA ALA A 58 13.25 -40.56 -6.02
C ALA A 58 14.33 -39.49 -6.18
N GLN A 59 13.94 -38.30 -6.63
CA GLN A 59 14.85 -37.15 -6.79
C GLN A 59 15.10 -36.35 -5.50
N GLY A 60 14.42 -36.73 -4.42
CA GLY A 60 14.68 -36.20 -3.08
C GLY A 60 13.95 -34.92 -2.70
N VAL A 61 12.78 -34.69 -3.29
CA VAL A 61 11.94 -33.56 -2.89
C VAL A 61 11.66 -33.68 -1.40
N ALA A 62 11.65 -32.53 -0.71
CA ALA A 62 11.32 -32.50 0.72
C ALA A 62 9.83 -32.78 0.99
N ALA A 63 8.96 -32.42 0.03
CA ALA A 63 7.51 -32.52 0.19
C ALA A 63 6.75 -32.34 -1.12
N ILE A 64 5.51 -32.82 -1.14
CA ILE A 64 4.63 -32.74 -2.29
C ILE A 64 3.26 -32.21 -1.88
N ILE A 65 2.67 -31.38 -2.74
CA ILE A 65 1.29 -30.94 -2.62
C ILE A 65 0.61 -31.39 -3.93
N ALA A 66 -0.52 -32.10 -3.79
CA ALA A 66 -1.16 -32.81 -4.89
C ALA A 66 -2.67 -32.56 -4.99
N GLU A 67 -3.19 -32.56 -6.22
CA GLU A 67 -4.63 -32.43 -6.46
C GLU A 67 -5.36 -33.58 -5.75
N ALA A 68 -6.38 -33.23 -4.97
CA ALA A 68 -7.12 -34.18 -4.14
C ALA A 68 -8.17 -35.01 -4.91
N LYS A 69 -8.68 -34.45 -6.02
CA LYS A 69 -9.75 -35.04 -6.84
C LYS A 69 -9.54 -36.54 -7.12
N ASP A 70 -10.49 -37.35 -6.65
CA ASP A 70 -10.58 -38.80 -6.94
C ASP A 70 -9.57 -39.67 -6.21
N GLU A 71 -8.85 -39.09 -5.25
CA GLU A 71 -7.76 -39.79 -4.58
C GLU A 71 -7.67 -39.54 -3.09
N ALA A 72 -8.18 -38.39 -2.63
CA ALA A 72 -8.06 -38.00 -1.25
C ALA A 72 -9.02 -36.90 -0.88
N THR A 73 -9.15 -36.66 0.43
CA THR A 73 -9.91 -35.54 0.96
C THR A 73 -9.02 -34.29 1.06
N ASP A 74 -9.64 -33.12 1.01
CA ASP A 74 -8.98 -31.83 1.10
C ASP A 74 -8.26 -31.73 2.45
N GLY A 75 -6.96 -31.37 2.41
CA GLY A 75 -6.13 -31.27 3.60
C GLY A 75 -5.60 -32.59 4.15
N GLU A 76 -5.81 -33.70 3.41
CA GLU A 76 -5.37 -35.03 3.83
C GLU A 76 -3.84 -35.11 3.76
N ILE A 77 -3.23 -35.53 4.88
CA ILE A 77 -1.79 -35.69 5.00
C ILE A 77 -1.41 -37.18 4.89
N ARG A 78 -0.63 -37.51 3.86
CA ARG A 78 -0.05 -38.84 3.70
C ARG A 78 1.48 -38.75 3.76
N GLU A 79 2.11 -39.91 3.86
CA GLU A 79 3.57 -40.04 4.00
C GLU A 79 4.07 -41.19 3.12
N MET A 80 4.74 -40.84 2.01
CA MET A 80 5.34 -41.83 1.12
C MET A 80 6.87 -41.78 1.18
N HIS A 81 7.46 -42.85 1.74
CA HIS A 81 8.91 -43.02 1.82
C HIS A 81 9.58 -41.87 2.57
N GLY A 82 8.94 -41.45 3.66
CA GLY A 82 9.39 -40.33 4.48
C GLY A 82 9.06 -38.92 3.97
N VAL A 83 8.50 -38.83 2.75
CA VAL A 83 8.14 -37.55 2.11
C VAL A 83 6.66 -37.22 2.30
N PRO A 84 6.31 -36.09 2.96
CA PRO A 84 4.90 -35.70 3.11
C PRO A 84 4.22 -35.38 1.77
N VAL A 85 3.08 -36.01 1.52
CA VAL A 85 2.23 -35.75 0.37
C VAL A 85 0.90 -35.26 0.93
N ILE A 86 0.62 -33.97 0.70
CA ILE A 86 -0.57 -33.30 1.23
C ILE A 86 -1.50 -32.94 0.08
N TYR A 87 -2.75 -33.39 0.18
CA TYR A 87 -3.71 -33.25 -0.90
C TYR A 87 -4.63 -32.05 -0.63
N LEU A 88 -4.92 -31.29 -1.69
CA LEU A 88 -5.79 -30.12 -1.61
C LEU A 88 -6.75 -30.19 -2.78
N SER A 89 -8.04 -29.93 -2.51
N SER A 89 -8.03 -29.92 -2.51
CA SER A 89 -9.07 -29.84 -3.54
CA SER A 89 -9.05 -29.84 -3.55
C SER A 89 -8.91 -28.51 -4.28
C SER A 89 -8.91 -28.51 -4.28
N GLN A 90 -9.26 -28.51 -5.57
CA GLN A 90 -9.26 -27.31 -6.40
C GLN A 90 -7.87 -26.65 -6.43
N LEU A 91 -6.84 -27.48 -6.63
CA LEU A 91 -5.46 -27.02 -6.51
C LEU A 91 -5.10 -25.94 -7.53
N ASN A 92 -5.57 -26.08 -8.78
CA ASN A 92 -5.37 -25.09 -9.83
C ASN A 92 -5.86 -23.70 -9.42
N GLU A 93 -7.02 -23.66 -8.77
CA GLU A 93 -7.66 -22.44 -8.30
C GLU A 93 -6.87 -21.80 -7.15
N ARG A 94 -6.18 -22.64 -6.36
CA ARG A 94 -5.46 -22.20 -5.15
C ARG A 94 -3.97 -22.00 -5.33
N LEU A 95 -3.46 -22.39 -6.49
CA LEU A 95 -2.05 -22.38 -6.78
C LEU A 95 -1.41 -20.99 -6.58
N SER A 96 -2.07 -19.95 -7.08
CA SER A 96 -1.57 -18.59 -6.96
C SER A 96 -1.42 -18.21 -5.48
N ALA A 97 -2.43 -18.55 -4.66
CA ALA A 97 -2.42 -18.19 -3.23
C ALA A 97 -1.27 -18.90 -2.50
N LEU A 98 -1.07 -20.17 -2.86
CA LEU A 98 -0.07 -21.02 -2.26
C LEU A 98 1.32 -20.50 -2.57
N ALA A 99 1.58 -20.22 -3.86
CA ALA A 99 2.84 -19.66 -4.35
C ALA A 99 3.11 -18.29 -3.76
N GLY A 100 2.05 -17.47 -3.67
CA GLY A 100 2.08 -16.20 -2.98
C GLY A 100 2.66 -16.29 -1.57
N ARG A 101 2.14 -17.22 -0.78
CA ARG A 101 2.61 -17.42 0.58
C ARG A 101 4.06 -17.94 0.61
N PHE A 102 4.36 -18.88 -0.31
CA PHE A 102 5.70 -19.43 -0.47
C PHE A 102 6.74 -18.35 -0.72
N TYR A 103 6.41 -17.39 -1.60
CA TYR A 103 7.35 -16.33 -1.99
C TYR A 103 7.22 -15.02 -1.21
N HIS A 104 6.57 -15.10 -0.05
CA HIS A 104 6.39 -14.00 0.90
C HIS A 104 5.59 -12.81 0.32
N GLU A 105 4.51 -13.15 -0.40
CA GLU A 105 3.51 -12.19 -0.88
C GLU A 105 4.16 -11.02 -1.59
N PRO A 106 4.85 -11.22 -2.72
CA PRO A 106 5.55 -10.12 -3.39
C PRO A 106 4.61 -8.97 -3.83
N SER A 107 3.35 -9.28 -4.18
CA SER A 107 2.41 -8.23 -4.60
C SER A 107 1.96 -7.31 -3.44
N ASP A 108 2.19 -7.73 -2.19
CA ASP A 108 1.98 -6.91 -1.00
C ASP A 108 3.21 -6.06 -0.69
N ASN A 109 4.29 -6.24 -1.45
CA ASN A 109 5.58 -5.57 -1.17
C ASN A 109 6.10 -4.69 -2.31
N LEU A 110 5.24 -4.48 -3.31
CA LEU A 110 5.44 -3.43 -4.30
C LEU A 110 4.07 -3.03 -4.78
N ARG A 111 3.99 -1.95 -5.56
N ARG A 111 3.99 -1.96 -5.55
CA ARG A 111 2.75 -1.50 -6.13
CA ARG A 111 2.75 -1.50 -6.13
C ARG A 111 2.57 -2.17 -7.50
C ARG A 111 2.57 -2.17 -7.50
N LEU A 112 1.61 -3.10 -7.57
CA LEU A 112 1.34 -3.86 -8.77
C LEU A 112 0.12 -3.29 -9.49
N VAL A 113 0.31 -2.94 -10.77
CA VAL A 113 -0.77 -2.52 -11.64
C VAL A 113 -0.92 -3.52 -12.77
N GLY A 114 -2.14 -4.07 -12.90
CA GLY A 114 -2.51 -4.97 -13.95
C GLY A 114 -3.21 -4.27 -15.11
N VAL A 115 -2.84 -4.65 -16.33
CA VAL A 115 -3.41 -4.07 -17.53
C VAL A 115 -3.98 -5.20 -18.36
N THR A 116 -5.26 -5.09 -18.73
CA THR A 116 -5.96 -6.11 -19.49
C THR A 116 -6.60 -5.47 -20.70
N GLY A 117 -6.94 -6.31 -21.69
CA GLY A 117 -7.58 -5.90 -22.94
C GLY A 117 -6.75 -6.32 -24.15
N THR A 118 -7.28 -6.05 -25.35
CA THR A 118 -6.67 -6.53 -26.58
C THR A 118 -5.55 -5.61 -27.04
N ASN A 119 -5.91 -4.34 -27.26
CA ASN A 119 -5.00 -3.34 -27.80
C ASN A 119 -4.51 -2.42 -26.69
N GLY A 120 -3.33 -1.83 -26.91
CA GLY A 120 -2.74 -0.87 -26.01
C GLY A 120 -2.19 -1.39 -24.68
N LYS A 121 -2.33 -2.70 -24.43
N LYS A 121 -2.32 -2.70 -24.45
CA LYS A 121 -1.81 -3.36 -23.22
CA LYS A 121 -1.83 -3.38 -23.25
C LYS A 121 -0.32 -3.18 -23.08
C LYS A 121 -0.33 -3.19 -23.08
N THR A 122 0.41 -3.49 -24.15
CA THR A 122 1.84 -3.50 -24.13
C THR A 122 2.37 -2.09 -23.87
N THR A 123 1.82 -1.12 -24.59
CA THR A 123 2.29 0.26 -24.45
C THR A 123 1.87 0.92 -23.14
N THR A 124 0.60 0.71 -22.75
CA THR A 124 0.13 1.25 -21.47
C THR A 124 0.96 0.70 -20.31
N THR A 125 1.26 -0.60 -20.34
CA THR A 125 2.14 -1.25 -19.34
C THR A 125 3.48 -0.53 -19.26
N GLN A 126 4.11 -0.30 -20.43
N GLN A 126 4.11 -0.30 -20.43
CA GLN A 126 5.41 0.35 -20.51
CA GLN A 126 5.42 0.34 -20.50
C GLN A 126 5.38 1.77 -20.01
C GLN A 126 5.38 1.78 -20.00
N LEU A 127 4.37 2.53 -20.43
CA LEU A 127 4.19 3.91 -19.98
C LEU A 127 4.04 4.02 -18.44
N LEU A 128 3.26 3.10 -17.85
CA LEU A 128 3.11 3.05 -16.40
C LEU A 128 4.46 2.87 -15.70
N ALA A 129 5.27 1.92 -16.17
CA ALA A 129 6.56 1.63 -15.60
C ALA A 129 7.49 2.83 -15.76
N GLN A 130 7.52 3.43 -16.95
CA GLN A 130 8.35 4.60 -17.26
C GLN A 130 8.00 5.79 -16.40
N TRP A 131 6.71 6.12 -16.34
CA TRP A 131 6.25 7.33 -15.65
C TRP A 131 6.47 7.20 -14.13
N SER A 132 6.08 6.06 -13.58
CA SER A 132 6.26 5.81 -12.16
C SER A 132 7.72 5.94 -11.79
N GLN A 133 8.62 5.42 -12.63
CA GLN A 133 10.06 5.51 -12.37
C GLN A 133 10.60 6.95 -12.44
N LEU A 134 10.12 7.73 -13.42
CA LEU A 134 10.41 9.17 -13.47
C LEU A 134 10.00 9.90 -12.20
N LEU A 135 8.95 9.38 -11.53
CA LEU A 135 8.51 9.94 -10.26
C LEU A 135 9.24 9.37 -9.03
N GLY A 136 10.24 8.50 -9.24
CA GLY A 136 11.07 8.02 -8.15
C GLY A 136 10.93 6.56 -7.72
N GLU A 137 10.02 5.81 -8.36
CA GLU A 137 9.92 4.37 -8.13
C GLU A 137 11.11 3.71 -8.81
N ILE A 138 11.40 2.46 -8.40
CA ILE A 138 12.23 1.57 -9.21
C ILE A 138 11.23 0.61 -9.83
N SER A 139 10.98 0.79 -11.13
CA SER A 139 9.86 0.15 -11.79
C SER A 139 10.28 -1.05 -12.60
N ALA A 140 9.31 -1.95 -12.83
CA ALA A 140 9.52 -3.18 -13.57
C ALA A 140 8.31 -3.47 -14.43
N VAL A 141 8.49 -4.37 -15.40
CA VAL A 141 7.45 -4.85 -16.26
C VAL A 141 7.42 -6.35 -16.25
N MET A 142 6.20 -6.91 -16.32
CA MET A 142 5.98 -8.32 -16.58
C MET A 142 4.99 -8.38 -17.73
N GLY A 143 5.33 -9.17 -18.76
CA GLY A 143 4.60 -9.18 -20.00
C GLY A 143 4.97 -10.34 -20.89
N THR A 144 4.61 -10.22 -22.17
CA THR A 144 4.84 -11.25 -23.19
C THR A 144 6.24 -11.11 -23.79
N VAL A 145 6.63 -9.86 -24.08
CA VAL A 145 8.01 -9.54 -24.45
C VAL A 145 8.93 -10.20 -23.42
N GLY A 146 8.73 -9.84 -22.15
CA GLY A 146 9.48 -10.41 -21.03
C GLY A 146 9.25 -9.72 -19.69
N ASN A 147 10.06 -10.10 -18.70
CA ASN A 147 10.00 -9.57 -17.33
C ASN A 147 11.31 -8.92 -16.95
N GLY A 148 11.26 -7.96 -16.03
CA GLY A 148 12.45 -7.35 -15.45
C GLY A 148 12.32 -5.88 -15.13
N LEU A 149 13.38 -5.32 -14.52
CA LEU A 149 13.46 -3.90 -14.25
C LEU A 149 13.44 -3.20 -15.58
N LEU A 150 12.87 -2.00 -15.58
CA LEU A 150 12.82 -1.16 -16.77
C LEU A 150 14.23 -1.00 -17.35
N GLY A 151 14.38 -1.31 -18.65
CA GLY A 151 15.66 -1.25 -19.34
C GLY A 151 16.52 -2.51 -19.23
N LYS A 152 16.02 -3.53 -18.53
CA LYS A 152 16.73 -4.79 -18.35
C LYS A 152 15.74 -5.96 -18.36
N VAL A 153 14.90 -5.98 -19.40
CA VAL A 153 13.85 -6.98 -19.55
C VAL A 153 14.43 -8.27 -20.15
N ILE A 154 14.05 -9.41 -19.56
CA ILE A 154 14.54 -10.74 -19.95
C ILE A 154 13.45 -11.48 -20.73
N PRO A 155 13.72 -11.89 -21.99
CA PRO A 155 12.70 -12.52 -22.84
C PRO A 155 11.90 -13.66 -22.20
N GLY A 161 4.01 -20.78 -18.65
CA GLY A 161 3.90 -19.86 -17.53
C GLY A 161 2.70 -20.18 -16.64
N SER A 162 2.96 -20.50 -15.38
CA SER A 162 1.94 -20.88 -14.40
C SER A 162 1.79 -19.82 -13.31
N ALA A 163 0.80 -20.04 -12.44
CA ALA A 163 0.61 -19.23 -11.24
C ALA A 163 1.84 -19.16 -10.36
N VAL A 164 2.62 -20.24 -10.34
CA VAL A 164 3.85 -20.31 -9.56
C VAL A 164 4.95 -19.41 -10.15
N ASP A 165 5.15 -19.48 -11.47
CA ASP A 165 6.15 -18.63 -12.17
C ASP A 165 5.85 -17.14 -11.99
N VAL A 166 4.56 -16.77 -12.05
CA VAL A 166 4.15 -15.39 -11.87
C VAL A 166 4.59 -14.91 -10.50
N GLN A 167 4.31 -15.69 -9.45
CA GLN A 167 4.69 -15.30 -8.10
C GLN A 167 6.21 -15.29 -7.92
N HIS A 168 6.87 -16.32 -8.45
CA HIS A 168 8.33 -16.45 -8.42
C HIS A 168 9.01 -15.23 -9.07
N GLU A 169 8.57 -14.87 -10.27
CA GLU A 169 9.13 -13.75 -10.99
C GLU A 169 8.94 -12.46 -10.22
N LEU A 170 7.74 -12.28 -9.66
CA LEU A 170 7.39 -11.07 -8.94
C LEU A 170 8.25 -10.94 -7.67
N ALA A 171 8.48 -12.06 -6.98
CA ALA A 171 9.42 -12.09 -5.85
C ALA A 171 10.84 -11.71 -6.27
N GLY A 172 11.27 -12.21 -7.44
CA GLY A 172 12.57 -11.87 -8.02
C GLY A 172 12.75 -10.39 -8.22
N LEU A 173 11.71 -9.74 -8.75
CA LEU A 173 11.72 -8.29 -8.92
C LEU A 173 11.78 -7.60 -7.56
N VAL A 174 11.02 -8.11 -6.58
CA VAL A 174 11.05 -7.53 -5.22
C VAL A 174 12.51 -7.55 -4.69
N ASP A 175 13.16 -8.72 -4.83
CA ASP A 175 14.55 -8.90 -4.40
C ASP A 175 15.52 -7.97 -5.11
N GLN A 176 15.27 -7.67 -6.38
CA GLN A 176 16.10 -6.72 -7.14
C GLN A 176 15.86 -5.25 -6.79
N GLY A 177 14.94 -4.97 -5.85
CA GLY A 177 14.61 -3.62 -5.43
C GLY A 177 13.40 -2.91 -6.06
N ALA A 178 12.66 -3.62 -6.92
CA ALA A 178 11.47 -3.05 -7.57
C ALA A 178 10.42 -2.60 -6.55
N THR A 179 9.89 -1.38 -6.74
CA THR A 179 8.84 -0.80 -5.91
C THR A 179 7.52 -0.65 -6.64
N PHE A 180 7.55 -0.88 -7.97
CA PHE A 180 6.41 -0.73 -8.85
C PHE A 180 6.59 -1.73 -9.98
N CYS A 181 5.51 -2.44 -10.30
CA CYS A 181 5.50 -3.33 -11.42
C CYS A 181 4.23 -3.18 -12.22
N ALA A 182 4.37 -2.91 -13.52
CA ALA A 182 3.27 -2.92 -14.48
C ALA A 182 3.25 -4.28 -15.18
N MET A 183 2.11 -4.97 -15.06
CA MET A 183 1.94 -6.34 -15.53
C MET A 183 0.85 -6.41 -16.59
N GLU A 184 1.22 -6.89 -17.79
CA GLU A 184 0.25 -7.29 -18.81
C GLU A 184 -0.39 -8.57 -18.34
N VAL A 185 -1.73 -8.59 -18.29
CA VAL A 185 -2.46 -9.81 -17.95
C VAL A 185 -3.23 -10.30 -19.17
N SER A 186 -2.81 -11.45 -19.71
CA SER A 186 -3.46 -12.07 -20.85
C SER A 186 -4.82 -12.61 -20.43
N SER A 187 -5.79 -12.53 -21.35
CA SER A 187 -7.13 -13.05 -21.15
C SER A 187 -7.08 -14.50 -20.66
N HIS A 188 -6.21 -15.30 -21.28
CA HIS A 188 -6.08 -16.71 -20.97
C HIS A 188 -5.48 -16.97 -19.59
N GLY A 189 -4.45 -16.18 -19.25
CA GLY A 189 -3.83 -16.21 -17.93
C GLY A 189 -4.85 -15.97 -16.81
N LEU A 190 -5.75 -15.00 -17.05
CA LEU A 190 -6.77 -14.62 -16.09
C LEU A 190 -7.73 -15.80 -15.86
N VAL A 191 -8.17 -16.40 -16.96
CA VAL A 191 -9.12 -17.52 -16.91
C VAL A 191 -8.52 -18.76 -16.23
N GLN A 192 -7.21 -18.97 -16.43
CA GLN A 192 -6.51 -20.10 -15.81
C GLN A 192 -6.03 -19.84 -14.37
N HIS A 193 -6.47 -18.72 -13.77
CA HIS A 193 -6.19 -18.37 -12.38
C HIS A 193 -4.70 -18.11 -12.10
N ARG A 194 -3.99 -17.62 -13.12
CA ARG A 194 -2.55 -17.38 -13.01
C ARG A 194 -2.21 -16.18 -12.17
N VAL A 195 -3.17 -15.26 -11.99
CA VAL A 195 -2.98 -14.08 -11.15
C VAL A 195 -4.04 -13.98 -10.04
N ALA A 196 -4.68 -15.11 -9.71
CA ALA A 196 -5.80 -15.14 -8.79
C ALA A 196 -5.54 -14.49 -7.42
N ALA A 197 -4.33 -14.66 -6.86
CA ALA A 197 -4.08 -14.17 -5.51
C ALA A 197 -3.25 -12.89 -5.46
N LEU A 198 -2.96 -12.30 -6.63
CA LEU A 198 -2.18 -11.06 -6.65
C LEU A 198 -3.00 -9.88 -6.15
N LYS A 199 -2.39 -9.04 -5.33
CA LYS A 199 -3.02 -7.84 -4.83
C LYS A 199 -2.67 -6.73 -5.81
N PHE A 200 -3.60 -6.43 -6.73
CA PHE A 200 -3.41 -5.36 -7.68
C PHE A 200 -3.77 -4.06 -6.98
N ALA A 201 -2.86 -3.08 -7.01
CA ALA A 201 -3.16 -1.74 -6.53
C ALA A 201 -4.15 -1.05 -7.47
N ALA A 202 -4.10 -1.43 -8.75
CA ALA A 202 -4.94 -0.89 -9.77
C ALA A 202 -5.03 -1.86 -10.95
N SER A 203 -6.15 -1.78 -11.67
CA SER A 203 -6.43 -2.60 -12.84
C SER A 203 -6.92 -1.64 -13.91
N VAL A 204 -6.28 -1.72 -15.09
CA VAL A 204 -6.55 -0.88 -16.22
C VAL A 204 -7.19 -1.78 -17.28
N PHE A 205 -8.39 -1.39 -17.72
CA PHE A 205 -9.12 -2.11 -18.74
C PHE A 205 -9.07 -1.28 -20.03
N THR A 206 -8.11 -1.59 -20.90
CA THR A 206 -7.86 -0.83 -22.12
C THR A 206 -9.05 -1.01 -23.11
N ASN A 207 -9.67 -2.20 -23.06
CA ASN A 207 -10.94 -2.48 -23.71
C ASN A 207 -11.51 -3.81 -23.23
N LEU A 208 -12.83 -3.87 -23.08
CA LEU A 208 -13.55 -5.05 -22.60
C LEU A 208 -14.32 -5.81 -23.71
N SER A 209 -14.45 -5.19 -24.89
CA SER A 209 -15.17 -5.78 -26.05
C SER A 209 -14.42 -6.94 -26.69
N ARG A 210 -15.17 -7.80 -27.39
CA ARG A 210 -14.63 -8.92 -28.18
C ARG A 210 -15.58 -9.24 -29.35
N ASP A 211 -14.99 -9.70 -30.47
CA ASP A 211 -15.73 -10.14 -31.66
C ASP A 211 -16.58 -11.41 -31.41
N HIS A 212 -17.54 -11.65 -32.31
CA HIS A 212 -18.35 -12.88 -32.38
C HIS A 212 -19.37 -13.05 -31.22
N LEU A 213 -19.95 -11.91 -30.79
CA LEU A 213 -20.93 -11.88 -29.69
C LEU A 213 -22.26 -11.16 -30.05
N ASP A 214 -22.61 -11.16 -31.34
CA ASP A 214 -23.78 -10.43 -31.84
C ASP A 214 -25.14 -11.03 -31.49
N TYR A 215 -25.17 -12.32 -31.10
CA TYR A 215 -26.29 -12.85 -30.34
C TYR A 215 -26.34 -12.09 -29.01
N HIS A 216 -27.55 -11.60 -28.64
CA HIS A 216 -27.72 -10.90 -27.37
C HIS A 216 -27.41 -11.85 -26.19
N GLY A 217 -27.73 -13.13 -26.37
CA GLY A 217 -27.38 -14.19 -25.43
C GLY A 217 -25.87 -14.29 -25.21
N ASP A 218 -25.10 -14.25 -26.30
CA ASP A 218 -23.66 -14.49 -26.25
C ASP A 218 -22.88 -13.41 -25.51
N MET A 219 -23.22 -12.14 -25.79
CA MET A 219 -22.61 -10.99 -25.13
C MET A 219 -22.88 -11.08 -23.62
N GLU A 220 -24.11 -11.48 -23.26
CA GLU A 220 -24.53 -11.67 -21.87
C GLU A 220 -23.69 -12.72 -21.15
N HIS A 221 -23.46 -13.88 -21.79
CA HIS A 221 -22.62 -14.93 -21.19
C HIS A 221 -21.16 -14.48 -21.05
N TYR A 222 -20.64 -13.84 -22.11
CA TYR A 222 -19.28 -13.34 -22.10
C TYR A 222 -19.09 -12.38 -20.92
N GLU A 223 -19.96 -11.37 -20.81
CA GLU A 223 -19.89 -10.38 -19.74
C GLU A 223 -20.02 -11.00 -18.36
N ALA A 224 -20.99 -11.92 -18.20
CA ALA A 224 -21.22 -12.63 -16.94
C ALA A 224 -19.98 -13.41 -16.52
N ALA A 225 -19.38 -14.12 -17.48
CA ALA A 225 -18.18 -14.90 -17.23
C ALA A 225 -17.02 -14.00 -16.77
N LYS A 226 -16.80 -12.90 -17.51
CA LYS A 226 -15.76 -11.94 -17.17
C LYS A 226 -16.02 -11.26 -15.83
N TRP A 227 -17.25 -10.82 -15.61
CA TRP A 227 -17.62 -10.14 -14.38
C TRP A 227 -17.37 -11.03 -13.18
N LEU A 228 -17.70 -12.31 -13.31
CA LEU A 228 -17.51 -13.29 -12.23
C LEU A 228 -16.02 -13.42 -11.95
N LEU A 229 -15.26 -13.63 -13.03
CA LEU A 229 -13.80 -13.75 -12.99
C LEU A 229 -13.14 -12.56 -12.26
N TYR A 230 -13.49 -11.34 -12.65
CA TYR A 230 -12.98 -10.10 -12.02
C TYR A 230 -13.46 -9.92 -10.56
N SER A 231 -14.67 -10.40 -10.26
CA SER A 231 -15.20 -10.36 -8.89
C SER A 231 -14.39 -11.23 -7.91
N GLU A 232 -13.64 -12.20 -8.44
CA GLU A 232 -12.81 -13.10 -7.63
C GLU A 232 -11.40 -12.57 -7.36
N HIS A 233 -11.06 -11.44 -7.98
CA HIS A 233 -9.70 -10.90 -7.92
C HIS A 233 -9.70 -9.64 -7.07
N HIS A 234 -8.55 -9.35 -6.46
CA HIS A 234 -8.29 -8.08 -5.80
C HIS A 234 -7.77 -7.12 -6.89
N CYS A 235 -8.70 -6.40 -7.52
CA CYS A 235 -8.42 -5.51 -8.67
C CYS A 235 -7.89 -4.14 -8.28
N GLY A 236 -8.16 -3.74 -7.04
CA GLY A 236 -7.78 -2.43 -6.53
C GLY A 236 -8.57 -1.38 -7.27
N GLN A 237 -7.94 -0.24 -7.56
CA GLN A 237 -8.61 0.81 -8.34
C GLN A 237 -8.78 0.43 -9.81
N ALA A 238 -10.03 0.52 -10.30
CA ALA A 238 -10.39 0.20 -11.67
C ALA A 238 -10.31 1.45 -12.53
N ILE A 239 -9.53 1.35 -13.62
CA ILE A 239 -9.39 2.42 -14.60
C ILE A 239 -9.88 1.85 -15.91
N ILE A 240 -10.92 2.46 -16.45
CA ILE A 240 -11.65 1.87 -17.55
C ILE A 240 -11.75 2.81 -18.71
N ASN A 241 -11.38 2.29 -19.89
CA ASN A 241 -11.54 2.98 -21.16
C ASN A 241 -13.01 3.11 -21.51
N ALA A 242 -13.54 4.32 -21.39
CA ALA A 242 -14.94 4.61 -21.73
C ALA A 242 -15.19 4.70 -23.25
N ASP A 243 -14.13 4.69 -24.07
CA ASP A 243 -14.26 4.62 -25.54
C ASP A 243 -14.43 3.18 -26.00
N ASP A 244 -14.95 2.35 -25.11
CA ASP A 244 -15.27 0.96 -25.35
C ASP A 244 -16.70 0.79 -24.89
N GLU A 245 -17.48 0.07 -25.70
CA GLU A 245 -18.89 -0.15 -25.47
C GLU A 245 -19.11 -0.88 -24.13
N VAL A 246 -18.38 -1.97 -23.92
CA VAL A 246 -18.53 -2.76 -22.71
C VAL A 246 -18.00 -1.93 -21.51
N GLY A 247 -16.87 -1.23 -21.74
CA GLY A 247 -16.27 -0.32 -20.79
C GLY A 247 -17.26 0.66 -20.18
N ARG A 248 -18.05 1.32 -21.05
N ARG A 248 -18.05 1.32 -21.05
CA ARG A 248 -19.09 2.25 -20.60
CA ARG A 248 -19.09 2.25 -20.60
C ARG A 248 -20.14 1.57 -19.73
C ARG A 248 -20.14 1.57 -19.73
N ARG A 249 -20.56 0.36 -20.12
CA ARG A 249 -21.57 -0.37 -19.36
C ARG A 249 -21.05 -0.72 -17.95
N TRP A 250 -19.82 -1.25 -17.90
CA TRP A 250 -19.19 -1.57 -16.62
C TRP A 250 -18.99 -0.34 -15.74
N LEU A 251 -18.60 0.79 -16.35
CA LEU A 251 -18.45 2.06 -15.61
C LEU A 251 -19.75 2.47 -14.93
N ALA A 252 -20.88 2.22 -15.60
CA ALA A 252 -22.20 2.55 -15.04
C ALA A 252 -22.56 1.74 -13.79
N LYS A 253 -21.93 0.57 -13.63
CA LYS A 253 -22.12 -0.31 -12.47
C LYS A 253 -21.03 -0.16 -11.39
N LEU A 254 -20.00 0.67 -11.65
CA LEU A 254 -18.84 0.78 -10.76
C LEU A 254 -18.56 2.23 -10.38
N PRO A 255 -19.24 2.76 -9.33
CA PRO A 255 -19.15 4.18 -8.99
C PRO A 255 -17.75 4.68 -8.55
N ASP A 256 -16.87 3.77 -8.11
CA ASP A 256 -15.51 4.10 -7.72
C ASP A 256 -14.46 3.89 -8.83
N ALA A 257 -14.88 3.45 -10.01
CA ALA A 257 -13.99 3.26 -11.16
C ALA A 257 -13.76 4.60 -11.84
N VAL A 258 -12.57 4.77 -12.44
CA VAL A 258 -12.20 5.98 -13.15
C VAL A 258 -12.46 5.79 -14.65
N ALA A 259 -13.26 6.70 -15.22
CA ALA A 259 -13.62 6.72 -16.62
C ALA A 259 -12.64 7.57 -17.40
N VAL A 260 -12.09 7.00 -18.48
CA VAL A 260 -11.13 7.67 -19.34
C VAL A 260 -11.62 7.67 -20.79
N SER A 261 -11.58 8.85 -21.42
CA SER A 261 -12.06 9.03 -22.80
C SER A 261 -11.27 10.08 -23.59
N MET A 262 -11.15 9.87 -24.91
CA MET A 262 -10.66 10.91 -25.80
C MET A 262 -11.66 11.13 -26.94
N GLU A 263 -12.88 10.61 -26.76
CA GLU A 263 -13.97 10.75 -27.71
C GLU A 263 -15.25 11.20 -27.00
N ASP A 264 -15.10 12.01 -25.96
CA ASP A 264 -16.24 12.64 -25.28
C ASP A 264 -17.27 11.63 -24.69
N HIS A 265 -16.81 10.56 -24.05
CA HIS A 265 -17.72 9.56 -23.47
C HIS A 265 -17.88 9.63 -21.93
N ILE A 266 -17.48 10.75 -21.34
CA ILE A 266 -17.65 11.01 -19.92
C ILE A 266 -19.02 11.63 -19.70
N ASN A 267 -19.81 11.03 -18.81
CA ASN A 267 -21.09 11.59 -18.34
C ASN A 267 -20.88 12.31 -17.01
N PRO A 268 -20.90 13.66 -16.97
CA PRO A 268 -20.66 14.40 -15.72
C PRO A 268 -21.75 14.25 -14.67
N ASN A 269 -22.95 13.79 -15.06
CA ASN A 269 -24.03 13.55 -14.11
C ASN A 269 -23.67 12.51 -13.02
N SER A 270 -22.76 11.59 -13.35
CA SER A 270 -22.34 10.55 -12.39
C SER A 270 -21.59 11.05 -11.12
N HIS A 271 -20.87 12.19 -11.22
CA HIS A 271 -19.99 12.67 -10.14
C HIS A 271 -18.91 11.65 -9.72
N GLY A 272 -18.49 10.78 -10.65
CA GLY A 272 -17.44 9.83 -10.43
C GLY A 272 -16.14 10.49 -10.87
N ARG A 273 -15.04 9.75 -10.76
CA ARG A 273 -13.73 10.25 -11.15
C ARG A 273 -13.60 10.03 -12.66
N TRP A 274 -12.88 10.94 -13.33
CA TRP A 274 -12.80 10.92 -14.77
C TRP A 274 -11.60 11.67 -15.25
N LEU A 275 -11.19 11.38 -16.49
CA LEU A 275 -10.12 12.06 -17.19
C LEU A 275 -10.46 11.97 -18.68
N LYS A 276 -10.45 13.11 -19.37
CA LYS A 276 -10.70 13.12 -20.81
C LYS A 276 -9.81 14.11 -21.52
N ALA A 277 -9.41 13.75 -22.75
CA ALA A 277 -8.73 14.65 -23.64
C ALA A 277 -9.80 15.59 -24.22
N THR A 278 -9.55 16.90 -24.14
CA THR A 278 -10.44 17.90 -24.71
C THR A 278 -10.00 18.31 -26.12
N GLU A 279 -8.69 18.31 -26.38
CA GLU A 279 -8.15 18.51 -27.72
C GLU A 279 -6.72 18.00 -27.81
N VAL A 280 -6.35 17.63 -29.04
CA VAL A 280 -5.07 17.09 -29.36
C VAL A 280 -4.56 17.78 -30.61
N ASN A 281 -3.39 18.41 -30.51
CA ASN A 281 -2.63 18.88 -31.67
C ASN A 281 -1.55 17.87 -31.97
N TYR A 282 -1.72 17.14 -33.07
CA TYR A 282 -0.75 16.21 -33.60
C TYR A 282 0.19 16.96 -34.51
N HIS A 283 1.49 16.99 -34.15
CA HIS A 283 2.51 17.65 -34.98
C HIS A 283 3.73 16.76 -35.19
N ASP A 284 4.80 17.32 -35.79
CA ASP A 284 5.92 16.53 -36.26
C ASP A 284 6.59 15.64 -35.18
N SER A 285 6.73 16.17 -33.97
CA SER A 285 7.48 15.53 -32.90
C SER A 285 6.64 14.72 -31.90
N GLY A 286 5.33 14.78 -32.05
CA GLY A 286 4.41 14.11 -31.15
C GLY A 286 3.05 14.78 -31.10
N ALA A 287 2.51 14.89 -29.89
CA ALA A 287 1.17 15.42 -29.67
C ALA A 287 1.13 16.31 -28.45
N THR A 288 0.47 17.46 -28.60
CA THR A 288 0.11 18.31 -27.48
C THR A 288 -1.31 17.95 -27.08
N ILE A 289 -1.44 17.36 -25.88
CA ILE A 289 -2.68 16.80 -25.39
C ILE A 289 -3.21 17.69 -24.29
N ARG A 290 -4.40 18.27 -24.51
CA ARG A 290 -5.06 19.06 -23.48
C ARG A 290 -6.14 18.20 -22.89
N PHE A 291 -6.18 18.19 -21.56
CA PHE A 291 -7.12 17.32 -20.86
C PHE A 291 -7.72 18.00 -19.67
N SER A 292 -8.91 17.51 -19.28
N SER A 292 -8.90 17.52 -19.26
CA SER A 292 -9.54 17.87 -18.02
CA SER A 292 -9.54 17.87 -18.02
C SER A 292 -9.77 16.59 -17.21
C SER A 292 -9.77 16.59 -17.21
N SER A 293 -9.91 16.74 -15.89
CA SER A 293 -10.09 15.60 -14.98
C SER A 293 -10.59 16.04 -13.60
N SER A 294 -11.09 15.09 -12.81
CA SER A 294 -11.53 15.39 -11.45
C SER A 294 -10.37 15.73 -10.54
N TRP A 295 -9.14 15.47 -10.98
CA TRP A 295 -7.94 15.91 -10.30
C TRP A 295 -7.46 17.29 -10.77
N GLY A 296 -8.11 17.83 -11.80
CA GLY A 296 -7.71 19.07 -12.43
C GLY A 296 -7.31 18.88 -13.88
N ASP A 297 -6.93 20.01 -14.50
CA ASP A 297 -6.73 20.11 -15.95
C ASP A 297 -5.28 20.39 -16.24
N GLY A 298 -4.92 20.26 -17.53
CA GLY A 298 -3.55 20.50 -17.92
C GLY A 298 -3.25 20.21 -19.37
N GLU A 299 -1.95 20.28 -19.68
CA GLU A 299 -1.44 20.07 -21.02
C GLU A 299 -0.19 19.22 -20.91
N ILE A 300 -0.10 18.19 -21.75
CA ILE A 300 1.07 17.30 -21.85
C ILE A 300 1.67 17.33 -23.26
N GLU A 301 2.99 17.42 -23.34
CA GLU A 301 3.72 17.31 -24.59
C GLU A 301 4.19 15.87 -24.70
N SER A 302 3.44 15.07 -25.47
CA SER A 302 3.82 13.69 -25.70
C SER A 302 4.75 13.61 -26.88
N HIS A 303 5.78 12.77 -26.76
CA HIS A 303 6.68 12.41 -27.86
C HIS A 303 6.36 11.05 -28.48
N LEU A 304 5.10 10.60 -28.28
CA LEU A 304 4.57 9.38 -28.88
C LEU A 304 3.67 9.80 -30.02
N MET A 305 3.54 8.89 -31.01
CA MET A 305 2.84 9.15 -32.24
C MET A 305 1.52 8.37 -32.33
N GLY A 306 0.50 9.03 -32.87
CA GLY A 306 -0.78 8.45 -33.18
C GLY A 306 -1.82 8.59 -32.07
N ALA A 307 -3.07 8.37 -32.45
CA ALA A 307 -4.22 8.52 -31.58
C ALA A 307 -4.26 7.43 -30.50
N PHE A 308 -3.86 6.21 -30.85
CA PHE A 308 -3.85 5.11 -29.89
C PHE A 308 -2.93 5.41 -28.70
N ASN A 309 -1.78 6.02 -28.98
CA ASN A 309 -0.82 6.37 -27.95
C ASN A 309 -1.25 7.58 -27.07
N VAL A 310 -2.15 8.43 -27.58
CA VAL A 310 -2.84 9.41 -26.75
C VAL A 310 -3.67 8.67 -25.69
N SER A 311 -4.48 7.71 -26.16
CA SER A 311 -5.31 6.90 -25.28
C SER A 311 -4.48 6.13 -24.25
N ASN A 312 -3.42 5.48 -24.72
CA ASN A 312 -2.55 4.73 -23.85
C ASN A 312 -1.96 5.61 -22.75
N LEU A 313 -1.52 6.81 -23.14
N LEU A 313 -1.51 6.81 -23.14
CA LEU A 313 -0.90 7.76 -22.22
CA LEU A 313 -0.91 7.77 -22.23
C LEU A 313 -1.95 8.26 -21.19
C LEU A 313 -1.95 8.26 -21.19
N LEU A 314 -3.14 8.61 -21.67
CA LEU A 314 -4.25 9.03 -20.78
C LEU A 314 -4.66 7.95 -19.77
N LEU A 315 -4.61 6.69 -20.20
CA LEU A 315 -4.91 5.57 -19.30
C LEU A 315 -3.84 5.47 -18.20
N ALA A 316 -2.57 5.58 -18.59
CA ALA A 316 -1.47 5.58 -17.61
C ALA A 316 -1.57 6.76 -16.64
N LEU A 317 -1.87 7.95 -17.17
CA LEU A 317 -2.07 9.15 -16.36
C LEU A 317 -3.20 9.00 -15.31
N ALA A 318 -4.38 8.57 -15.78
CA ALA A 318 -5.55 8.40 -14.92
C ALA A 318 -5.24 7.41 -13.80
N THR A 319 -4.55 6.31 -14.15
CA THR A 319 -4.11 5.28 -13.20
C THR A 319 -3.20 5.85 -12.10
N LEU A 320 -2.16 6.57 -12.51
CA LEU A 320 -1.19 7.12 -11.57
C LEU A 320 -1.83 8.20 -10.70
N LEU A 321 -2.72 9.01 -11.28
CA LEU A 321 -3.51 9.95 -10.49
C LEU A 321 -4.35 9.24 -9.41
N ALA A 322 -4.97 8.12 -9.77
CA ALA A 322 -5.79 7.33 -8.86
C ALA A 322 -4.94 6.72 -7.75
N LEU A 323 -3.70 6.37 -8.08
CA LEU A 323 -2.79 5.81 -7.09
C LEU A 323 -2.18 6.88 -6.17
N GLY A 324 -2.44 8.15 -6.46
CA GLY A 324 -2.11 9.26 -5.56
C GLY A 324 -0.85 10.05 -5.96
N TYR A 325 -0.30 9.77 -7.14
CA TYR A 325 0.81 10.55 -7.66
C TYR A 325 0.29 11.95 -8.01
N PRO A 326 0.96 13.03 -7.56
CA PRO A 326 0.42 14.37 -7.74
C PRO A 326 0.42 14.83 -9.21
N LEU A 327 -0.67 15.48 -9.63
CA LEU A 327 -0.81 15.94 -11.00
C LEU A 327 0.41 16.76 -11.46
N ALA A 328 0.88 17.68 -10.61
CA ALA A 328 2.00 18.56 -10.97
C ALA A 328 3.27 17.78 -11.32
N ASP A 329 3.54 16.69 -10.59
CA ASP A 329 4.73 15.90 -10.83
C ASP A 329 4.63 15.07 -12.08
N LEU A 330 3.43 14.55 -12.34
CA LEU A 330 3.13 13.79 -13.56
C LEU A 330 3.32 14.69 -14.80
N LEU A 331 2.74 15.90 -14.77
CA LEU A 331 2.87 16.87 -15.87
C LEU A 331 4.34 17.25 -16.11
N LYS A 332 5.10 17.40 -15.02
CA LYS A 332 6.50 17.78 -15.07
C LYS A 332 7.39 16.69 -15.69
N THR A 333 6.95 15.43 -15.64
CA THR A 333 7.73 14.31 -16.13
C THR A 333 7.27 13.76 -17.49
N ALA A 334 6.12 14.25 -17.97
CA ALA A 334 5.46 13.68 -19.14
C ALA A 334 6.33 13.76 -20.40
N ALA A 335 7.05 14.88 -20.57
CA ALA A 335 7.87 15.12 -21.77
C ALA A 335 9.04 14.14 -21.87
N ARG A 336 9.34 13.42 -20.78
CA ARG A 336 10.38 12.40 -20.80
C ARG A 336 9.90 10.98 -21.13
N LEU A 337 8.58 10.79 -21.29
CA LEU A 337 8.05 9.51 -21.71
C LEU A 337 8.54 9.23 -23.13
N GLN A 338 8.97 8.00 -23.39
CA GLN A 338 9.53 7.61 -24.67
C GLN A 338 8.72 6.52 -25.37
N PRO A 339 8.82 6.43 -26.71
CA PRO A 339 8.21 5.33 -27.45
C PRO A 339 8.71 3.99 -27.00
N VAL A 340 7.82 2.99 -27.04
CA VAL A 340 8.17 1.58 -26.87
C VAL A 340 9.08 1.23 -28.03
N SER A 341 10.15 0.49 -27.75
CA SER A 341 11.18 0.14 -28.73
C SER A 341 10.57 -0.45 -30.02
N GLY A 342 11.03 0.05 -31.17
CA GLY A 342 10.54 -0.35 -32.47
C GLY A 342 9.11 0.06 -32.83
N ARG A 343 8.43 0.79 -31.94
CA ARG A 343 7.04 1.19 -32.10
C ARG A 343 6.89 2.70 -32.32
N MET A 344 6.61 3.07 -33.57
CA MET A 344 6.36 4.44 -33.96
C MET A 344 7.38 5.39 -33.32
N GLU A 345 8.66 5.06 -33.46
CA GLU A 345 9.74 5.89 -32.93
C GLU A 345 10.05 7.03 -33.88
N VAL A 346 9.87 8.27 -33.39
CA VAL A 346 10.01 9.45 -34.21
C VAL A 346 11.40 10.07 -34.11
N PHE A 347 11.92 10.54 -35.26
CA PHE A 347 13.20 11.23 -35.35
C PHE A 347 12.93 12.54 -36.06
N THR A 348 13.24 13.64 -35.39
CA THR A 348 13.08 14.98 -35.96
C THR A 348 14.42 15.66 -35.98
N ALA A 349 14.56 16.61 -36.92
CA ALA A 349 15.73 17.44 -36.96
C ALA A 349 15.36 18.77 -37.62
N PRO A 350 16.05 19.87 -37.23
CA PRO A 350 15.77 21.19 -37.78
C PRO A 350 15.81 21.19 -39.30
N GLY A 351 14.74 21.66 -39.93
CA GLY A 351 14.67 21.83 -41.37
C GLY A 351 14.71 20.55 -42.19
N LYS A 352 14.44 19.40 -41.54
CA LYS A 352 14.44 18.10 -42.21
C LYS A 352 13.08 17.41 -42.08
N PRO A 353 12.75 16.46 -42.97
CA PRO A 353 11.51 15.71 -42.85
C PRO A 353 11.48 14.95 -41.54
N THR A 354 10.29 14.68 -41.01
CA THR A 354 10.13 13.80 -39.85
C THR A 354 10.17 12.37 -40.34
N VAL A 355 10.90 11.51 -39.61
CA VAL A 355 11.05 10.11 -39.97
C VAL A 355 10.61 9.25 -38.77
N VAL A 356 9.76 8.27 -39.05
CA VAL A 356 9.25 7.36 -38.03
C VAL A 356 9.73 5.98 -38.40
N VAL A 357 10.36 5.30 -37.43
CA VAL A 357 10.77 3.92 -37.58
C VAL A 357 9.79 3.03 -36.82
N ASP A 358 9.16 2.09 -37.54
CA ASP A 358 8.19 1.17 -36.92
C ASP A 358 8.41 -0.27 -37.42
N TYR A 359 8.18 -1.23 -36.52
CA TYR A 359 8.36 -2.66 -36.76
C TYR A 359 7.34 -3.29 -37.75
N ALA A 360 6.27 -2.56 -38.07
CA ALA A 360 5.15 -3.08 -38.84
C ALA A 360 5.63 -3.91 -40.03
N HIS A 361 5.19 -5.18 -40.07
CA HIS A 361 5.53 -6.12 -41.15
C HIS A 361 4.35 -7.02 -41.59
N THR A 362 3.12 -6.56 -41.33
CA THR A 362 1.90 -7.22 -41.78
C THR A 362 0.98 -6.15 -42.35
N PRO A 363 -0.02 -6.51 -43.19
CA PRO A 363 -0.92 -5.50 -43.75
C PRO A 363 -1.60 -4.61 -42.69
N ASP A 364 -2.13 -5.22 -41.63
CA ASP A 364 -2.84 -4.48 -40.58
C ASP A 364 -1.93 -3.55 -39.77
N ALA A 365 -0.75 -4.03 -39.38
CA ALA A 365 0.23 -3.19 -38.67
C ALA A 365 0.68 -2.00 -39.55
N LEU A 366 0.95 -2.28 -40.83
CA LEU A 366 1.37 -1.23 -41.75
C LEU A 366 0.26 -0.17 -41.93
N GLU A 367 -0.99 -0.60 -42.12
CA GLU A 367 -2.12 0.33 -42.19
C GLU A 367 -2.23 1.21 -40.93
N LYS A 368 -2.14 0.57 -39.76
CA LYS A 368 -2.20 1.27 -38.48
C LYS A 368 -1.10 2.31 -38.34
N ALA A 369 0.13 1.93 -38.71
CA ALA A 369 1.29 2.83 -38.61
C ALA A 369 1.17 4.05 -39.53
N LEU A 370 0.68 3.83 -40.75
CA LEU A 370 0.49 4.90 -41.73
C LEU A 370 -0.63 5.86 -41.31
N GLN A 371 -1.72 5.30 -40.76
CA GLN A 371 -2.83 6.07 -40.21
C GLN A 371 -2.36 6.98 -39.06
N ALA A 372 -1.54 6.43 -38.17
CA ALA A 372 -0.95 7.18 -37.07
C ALA A 372 0.00 8.29 -37.60
N ALA A 373 0.92 7.91 -38.51
CA ALA A 373 1.87 8.87 -39.08
C ALA A 373 1.15 10.02 -39.79
N ARG A 374 0.06 9.69 -40.49
CA ARG A 374 -0.74 10.69 -41.22
C ARG A 374 -1.17 11.86 -40.34
N LEU A 375 -1.58 11.56 -39.10
CA LEU A 375 -2.05 12.57 -38.15
C LEU A 375 -1.00 13.63 -37.87
N HIS A 376 0.27 13.25 -37.96
CA HIS A 376 1.39 14.16 -37.70
C HIS A 376 1.98 14.80 -38.96
N CYS A 377 1.36 14.55 -40.12
CA CYS A 377 1.94 14.89 -41.41
C CYS A 377 1.15 16.01 -42.11
N ALA A 378 1.77 17.20 -42.16
CA ALA A 378 1.20 18.36 -42.83
C ALA A 378 1.36 18.22 -44.34
N GLY A 379 2.47 17.63 -44.78
CA GLY A 379 2.80 17.53 -46.20
C GLY A 379 2.42 16.19 -46.76
N LYS A 380 3.41 15.53 -47.38
CA LYS A 380 3.27 14.19 -47.95
C LYS A 380 3.81 13.08 -47.03
N LEU A 381 3.08 11.97 -47.00
CA LEU A 381 3.45 10.76 -46.27
C LEU A 381 4.12 9.75 -47.21
N TRP A 382 5.39 9.45 -46.92
CA TRP A 382 6.20 8.49 -47.65
C TRP A 382 6.25 7.20 -46.84
N CYS A 383 6.27 6.07 -47.52
CA CYS A 383 6.36 4.75 -46.89
C CYS A 383 7.44 3.92 -47.54
N VAL A 384 8.47 3.59 -46.76
CA VAL A 384 9.56 2.77 -47.20
C VAL A 384 9.45 1.43 -46.51
N PHE A 385 9.40 0.36 -47.31
CA PHE A 385 9.20 -0.98 -46.80
C PHE A 385 9.51 -2.02 -47.85
N GLY A 386 9.68 -3.25 -47.35
CA GLY A 386 9.81 -4.47 -48.15
C GLY A 386 9.13 -5.64 -47.43
N CYS A 387 9.34 -6.85 -47.96
CA CYS A 387 8.84 -8.07 -47.32
C CYS A 387 9.92 -9.14 -47.25
N GLY A 388 9.87 -9.96 -46.20
CA GLY A 388 10.83 -11.02 -45.97
C GLY A 388 10.79 -12.08 -47.05
N GLY A 389 11.98 -12.58 -47.43
CA GLY A 389 12.08 -13.62 -48.43
C GLY A 389 11.99 -14.96 -47.74
N ASP A 390 11.66 -16.00 -48.53
CA ASP A 390 11.55 -17.40 -48.06
C ASP A 390 10.52 -17.59 -46.94
N ARG A 391 9.51 -16.71 -46.92
CA ARG A 391 8.38 -16.78 -46.01
C ARG A 391 7.13 -16.62 -46.84
N ASP A 392 5.97 -16.78 -46.20
CA ASP A 392 4.69 -16.71 -46.89
C ASP A 392 4.55 -15.43 -47.71
N LYS A 393 4.19 -15.61 -48.98
CA LYS A 393 4.11 -14.56 -49.96
C LYS A 393 2.79 -13.82 -49.98
N GLY A 394 1.75 -14.38 -49.36
CA GLY A 394 0.40 -13.82 -49.38
C GLY A 394 0.28 -12.36 -48.92
N LYS A 395 1.08 -11.98 -47.92
CA LYS A 395 1.04 -10.60 -47.40
C LYS A 395 1.59 -9.54 -48.38
N ARG A 396 2.35 -9.97 -49.38
CA ARG A 396 3.09 -9.04 -50.25
C ARG A 396 2.17 -8.11 -51.03
N PRO A 397 1.22 -8.62 -51.85
CA PRO A 397 0.31 -7.75 -52.58
C PRO A 397 -0.58 -6.89 -51.67
N LEU A 398 -0.92 -7.43 -50.50
CA LEU A 398 -1.77 -6.74 -49.52
C LEU A 398 -1.00 -5.56 -48.92
N MET A 399 0.27 -5.78 -48.58
CA MET A 399 1.11 -4.67 -48.10
C MET A 399 1.31 -3.62 -49.19
N GLY A 400 1.45 -4.07 -50.45
CA GLY A 400 1.48 -3.16 -51.59
C GLY A 400 0.27 -2.24 -51.66
N ALA A 401 -0.93 -2.84 -51.63
CA ALA A 401 -2.21 -2.10 -51.70
C ALA A 401 -2.37 -1.08 -50.57
N ILE A 402 -1.93 -1.47 -49.36
CA ILE A 402 -2.01 -0.62 -48.15
C ILE A 402 -1.11 0.60 -48.29
N ALA A 403 0.15 0.37 -48.69
CA ALA A 403 1.11 1.48 -48.92
C ALA A 403 0.60 2.45 -49.97
N GLU A 404 -0.02 1.92 -51.03
CA GLU A 404 -0.53 2.75 -52.12
C GLU A 404 -1.70 3.60 -51.62
N GLU A 405 -2.58 2.97 -50.84
CA GLU A 405 -3.80 3.61 -50.36
C GLU A 405 -3.53 4.64 -49.26
N PHE A 406 -2.74 4.27 -48.25
CA PHE A 406 -2.59 5.08 -47.03
C PHE A 406 -1.39 6.00 -46.97
N ALA A 407 -0.52 5.91 -47.98
CA ALA A 407 0.60 6.84 -48.08
C ALA A 407 0.55 7.54 -49.40
N ASP A 408 1.23 8.69 -49.51
CA ASP A 408 1.29 9.46 -50.74
C ASP A 408 2.38 8.96 -51.69
N VAL A 409 3.51 8.52 -51.12
CA VAL A 409 4.59 7.96 -51.90
C VAL A 409 4.98 6.64 -51.28
N ALA A 410 5.00 5.59 -52.10
CA ALA A 410 5.40 4.27 -51.68
C ALA A 410 6.76 3.98 -52.28
N VAL A 411 7.73 3.72 -51.40
CA VAL A 411 9.09 3.39 -51.81
C VAL A 411 9.37 1.93 -51.42
N VAL A 412 9.34 1.04 -52.42
CA VAL A 412 9.44 -0.41 -52.17
C VAL A 412 10.89 -0.82 -52.28
N THR A 413 11.38 -1.48 -51.23
CA THR A 413 12.75 -1.89 -51.14
C THR A 413 12.87 -3.32 -50.59
N ASP A 414 14.10 -3.72 -50.23
CA ASP A 414 14.36 -5.03 -49.62
C ASP A 414 14.21 -5.00 -48.09
N ASP A 415 13.74 -6.13 -47.54
CA ASP A 415 13.71 -6.40 -46.12
C ASP A 415 13.98 -7.89 -45.83
N ASN A 416 15.22 -8.23 -45.49
CA ASN A 416 15.63 -9.61 -45.25
C ASN A 416 15.19 -10.52 -46.40
N PRO A 417 15.74 -10.38 -47.62
CA PRO A 417 15.35 -11.24 -48.74
C PRO A 417 15.80 -12.72 -48.59
N ARG A 418 16.74 -13.00 -47.68
CA ARG A 418 17.30 -14.34 -47.43
C ARG A 418 17.85 -14.91 -48.73
N THR A 419 17.37 -16.08 -49.18
CA THR A 419 17.91 -16.71 -50.40
C THR A 419 17.05 -16.46 -51.64
N GLU A 420 15.85 -15.87 -51.43
CA GLU A 420 14.94 -15.52 -52.50
C GLU A 420 15.45 -14.31 -53.30
N GLU A 421 15.19 -14.34 -54.62
CA GLU A 421 15.57 -13.27 -55.52
C GLU A 421 14.91 -11.97 -55.06
N PRO A 422 15.68 -10.94 -54.61
CA PRO A 422 15.06 -9.75 -54.02
C PRO A 422 14.01 -9.09 -54.90
N ARG A 423 14.31 -8.94 -56.20
CA ARG A 423 13.38 -8.31 -57.13
C ARG A 423 12.08 -9.10 -57.28
N ALA A 424 12.13 -10.43 -57.16
CA ALA A 424 10.89 -11.23 -57.21
C ALA A 424 9.92 -10.84 -56.07
N ILE A 425 10.47 -10.59 -54.87
CA ILE A 425 9.68 -10.16 -53.72
C ILE A 425 9.02 -8.81 -54.02
N ILE A 426 9.80 -7.86 -54.53
CA ILE A 426 9.29 -6.54 -54.91
C ILE A 426 8.15 -6.61 -55.94
N ASN A 427 8.31 -7.47 -56.95
CA ASN A 427 7.29 -7.70 -57.96
C ASN A 427 5.98 -8.20 -57.35
N ASP A 428 6.08 -9.10 -56.37
CA ASP A 428 4.91 -9.61 -55.65
C ASP A 428 4.21 -8.51 -54.90
N ILE A 429 4.97 -7.53 -54.37
CA ILE A 429 4.40 -6.40 -53.66
C ILE A 429 3.68 -5.48 -54.65
N LEU A 430 4.37 -5.16 -55.75
CA LEU A 430 3.83 -4.29 -56.80
C LEU A 430 2.56 -4.86 -57.44
N ALA A 431 2.49 -6.20 -57.53
CA ALA A 431 1.34 -6.90 -58.11
C ALA A 431 0.03 -6.49 -57.44
N GLY A 432 0.10 -6.16 -56.14
CA GLY A 432 -1.06 -5.78 -55.35
C GLY A 432 -1.58 -4.36 -55.50
N MET A 433 -0.82 -3.52 -56.21
CA MET A 433 -1.18 -2.14 -56.41
C MET A 433 -2.00 -1.95 -57.68
N LEU A 434 -2.89 -0.95 -57.66
CA LEU A 434 -3.71 -0.53 -58.79
C LEU A 434 -2.84 0.17 -59.84
N ASP A 435 -1.84 0.92 -59.35
CA ASP A 435 -0.97 1.69 -60.21
C ASP A 435 0.49 1.51 -59.77
N ALA A 436 1.04 0.32 -60.06
CA ALA A 436 2.39 -0.05 -59.71
C ALA A 436 3.44 0.97 -60.17
N GLY A 437 3.17 1.60 -61.32
CA GLY A 437 4.04 2.57 -61.94
C GLY A 437 4.25 3.82 -61.11
N HIS A 438 3.32 4.10 -60.20
CA HIS A 438 3.41 5.21 -59.26
C HIS A 438 4.32 4.93 -58.04
N ALA A 439 4.54 3.65 -57.72
CA ALA A 439 5.52 3.27 -56.69
C ALA A 439 6.96 3.59 -57.16
N LYS A 440 7.83 3.92 -56.20
CA LYS A 440 9.25 4.04 -56.46
C LYS A 440 9.85 2.77 -55.94
N VAL A 441 10.79 2.21 -56.70
CA VAL A 441 11.47 1.00 -56.34
C VAL A 441 12.92 1.34 -56.26
N MET A 442 13.54 1.01 -55.13
CA MET A 442 14.97 1.16 -55.00
C MET A 442 15.51 0.09 -54.11
N GLU A 443 16.45 -0.67 -54.68
CA GLU A 443 17.12 -1.73 -53.96
C GLU A 443 18.48 -1.27 -53.50
N GLY A 444 18.91 -1.92 -52.42
CA GLY A 444 19.66 -1.35 -51.36
C GLY A 444 18.59 -0.72 -50.48
N ARG A 445 18.30 -1.32 -49.31
CA ARG A 445 17.40 -0.70 -48.35
C ARG A 445 17.96 0.64 -47.85
N ALA A 446 19.25 0.67 -47.51
CA ALA A 446 19.92 1.89 -47.07
C ALA A 446 19.73 3.02 -48.11
N GLU A 447 19.90 2.66 -49.39
CA GLU A 447 19.73 3.56 -50.51
C GLU A 447 18.29 4.08 -50.60
N ALA A 448 17.32 3.18 -50.47
CA ALA A 448 15.90 3.54 -50.49
C ALA A 448 15.51 4.50 -49.39
N VAL A 449 15.92 4.19 -48.16
CA VAL A 449 15.71 5.09 -47.03
C VAL A 449 16.34 6.47 -47.29
N THR A 450 17.59 6.44 -47.79
CA THR A 450 18.29 7.69 -48.13
C THR A 450 17.48 8.50 -49.14
N SER A 451 17.03 7.83 -50.21
CA SER A 451 16.24 8.47 -51.28
C SER A 451 15.00 9.19 -50.79
N ALA A 452 14.27 8.54 -49.87
CA ALA A 452 13.08 9.13 -49.25
C ALA A 452 13.43 10.33 -48.38
N VAL A 453 14.38 10.14 -47.48
CA VAL A 453 14.73 11.15 -46.49
C VAL A 453 15.26 12.41 -47.20
N MET A 454 16.11 12.22 -48.21
CA MET A 454 16.76 13.33 -48.93
C MET A 454 15.82 14.08 -49.88
N GLN A 455 14.76 13.41 -50.37
CA GLN A 455 13.82 14.04 -51.28
C GLN A 455 12.60 14.62 -50.57
N ALA A 456 12.24 14.05 -49.41
CA ALA A 456 11.07 14.52 -48.67
C ALA A 456 11.26 15.98 -48.23
N LYS A 457 10.16 16.73 -48.25
CA LYS A 457 10.14 18.12 -47.78
C LYS A 457 10.13 18.16 -46.26
N GLU A 458 10.38 19.36 -45.73
CA GLU A 458 10.45 19.62 -44.29
C GLU A 458 9.17 19.26 -43.52
N ASN A 459 8.01 19.49 -44.14
CA ASN A 459 6.72 19.15 -43.53
C ASN A 459 6.18 17.75 -43.91
N ASP A 460 7.02 16.94 -44.55
CA ASP A 460 6.67 15.57 -44.89
C ASP A 460 7.02 14.64 -43.72
N VAL A 461 6.39 13.47 -43.73
CA VAL A 461 6.73 12.39 -42.81
C VAL A 461 7.12 11.17 -43.64
N VAL A 462 8.20 10.49 -43.22
CA VAL A 462 8.68 9.28 -43.84
C VAL A 462 8.61 8.15 -42.83
N LEU A 463 7.75 7.17 -43.10
CA LEU A 463 7.64 5.97 -42.28
C LEU A 463 8.57 4.92 -42.89
N VAL A 464 9.51 4.43 -42.09
CA VAL A 464 10.39 3.33 -42.46
C VAL A 464 9.93 2.13 -41.66
N ALA A 465 9.26 1.20 -42.36
CA ALA A 465 8.56 0.07 -41.76
C ALA A 465 9.24 -1.28 -41.98
N GLY A 466 9.09 -2.17 -40.99
CA GLY A 466 9.42 -3.56 -41.17
C GLY A 466 10.39 -4.15 -40.18
N LYS A 467 11.24 -3.29 -39.59
CA LYS A 467 12.37 -3.77 -38.78
C LYS A 467 12.31 -3.34 -37.32
N GLY A 468 11.85 -2.11 -37.06
CA GLY A 468 11.82 -1.56 -35.71
C GLY A 468 13.23 -1.44 -35.16
N HIS A 469 13.54 -2.25 -34.15
CA HIS A 469 14.89 -2.37 -33.55
C HIS A 469 15.64 -3.66 -33.98
N GLU A 470 15.06 -4.44 -34.89
CA GLU A 470 15.68 -5.67 -35.40
C GLU A 470 16.79 -5.30 -36.37
N ASP A 471 17.97 -5.01 -35.81
CA ASP A 471 19.06 -4.33 -36.50
C ASP A 471 20.01 -5.26 -37.25
N TYR A 472 19.50 -5.81 -38.36
CA TYR A 472 20.26 -6.60 -39.31
C TYR A 472 19.46 -6.63 -40.62
N GLN A 473 20.13 -7.06 -41.69
CA GLN A 473 19.54 -7.31 -42.99
C GLN A 473 20.05 -8.69 -43.42
N ILE A 474 19.15 -9.67 -43.48
CA ILE A 474 19.51 -11.05 -43.86
C ILE A 474 19.49 -11.16 -45.39
N VAL A 475 20.68 -11.21 -45.99
CA VAL A 475 20.85 -11.35 -47.44
C VAL A 475 21.68 -12.63 -47.70
N GLY A 476 21.06 -13.59 -48.38
CA GLY A 476 21.59 -14.94 -48.51
C GLY A 476 21.47 -15.68 -47.19
N ASN A 477 22.61 -16.15 -46.69
CA ASN A 477 22.73 -16.79 -45.37
C ASN A 477 23.24 -15.82 -44.30
N GLN A 478 23.91 -14.74 -44.75
CA GLN A 478 24.63 -13.80 -43.89
C GLN A 478 23.71 -12.72 -43.27
N ARG A 479 23.78 -12.61 -41.95
CA ARG A 479 23.10 -11.55 -41.19
C ARG A 479 24.04 -10.32 -41.16
N LEU A 480 23.86 -9.42 -42.13
CA LEU A 480 24.64 -8.19 -42.25
C LEU A 480 24.23 -7.14 -41.22
N ASP A 481 25.20 -6.31 -40.82
CA ASP A 481 24.96 -5.23 -39.87
C ASP A 481 24.26 -4.10 -40.62
N TYR A 482 23.09 -3.72 -40.11
CA TYR A 482 22.28 -2.69 -40.71
C TYR A 482 21.25 -2.32 -39.69
N SER A 483 20.93 -1.03 -39.63
CA SER A 483 19.90 -0.55 -38.72
C SER A 483 19.17 0.62 -39.35
N ASP A 484 17.85 0.51 -39.48
CA ASP A 484 17.02 1.62 -39.88
C ASP A 484 17.25 2.84 -38.99
N ARG A 485 17.25 2.64 -37.66
CA ARG A 485 17.47 3.72 -36.68
C ARG A 485 18.79 4.48 -36.89
N VAL A 486 19.86 3.71 -37.10
CA VAL A 486 21.19 4.28 -37.25
C VAL A 486 21.28 5.03 -38.55
N THR A 487 20.69 4.45 -39.62
CA THR A 487 20.72 5.05 -40.95
C THR A 487 19.98 6.40 -40.93
N VAL A 488 18.77 6.37 -40.39
CA VAL A 488 17.93 7.55 -40.28
C VAL A 488 18.60 8.66 -39.45
N ALA A 489 19.10 8.30 -38.26
CA ALA A 489 19.77 9.24 -37.35
C ALA A 489 20.94 9.92 -38.05
N ARG A 490 21.78 9.13 -38.72
CA ARG A 490 22.93 9.63 -39.45
C ARG A 490 22.56 10.60 -40.57
N LEU A 491 21.50 10.26 -41.33
CA LEU A 491 20.99 11.15 -42.38
C LEU A 491 20.41 12.45 -41.83
N LEU A 492 19.78 12.39 -40.65
CA LEU A 492 19.18 13.56 -40.06
C LEU A 492 20.17 14.41 -39.23
N GLY A 493 21.37 13.87 -38.96
CA GLY A 493 22.38 14.52 -38.14
C GLY A 493 22.07 14.49 -36.66
N VAL A 494 21.36 13.43 -36.23
CA VAL A 494 21.02 13.25 -34.83
C VAL A 494 21.58 11.91 -34.37
N ILE A 495 21.37 11.57 -33.09
CA ILE A 495 21.96 10.40 -32.47
C ILE A 495 20.84 9.41 -32.19
N ALA A 496 21.02 8.17 -32.64
CA ALA A 496 19.97 7.16 -32.58
C ALA A 496 19.69 6.86 -31.12
N ARG B 5 15.14 19.10 -1.39
CA ARG B 5 14.02 19.97 -0.91
C ARG B 5 14.14 21.37 -1.50
N ASN B 6 13.28 21.66 -2.48
CA ASN B 6 13.23 22.94 -3.17
C ASN B 6 11.86 23.59 -3.00
N LEU B 7 11.86 24.89 -2.65
CA LEU B 7 10.66 25.69 -2.52
C LEU B 7 9.74 25.61 -3.75
N ARG B 8 10.34 25.63 -4.95
CA ARG B 8 9.61 25.54 -6.21
C ARG B 8 8.81 24.24 -6.31
N ASP B 9 9.49 23.10 -6.11
CA ASP B 9 8.85 21.78 -6.13
C ASP B 9 7.87 21.61 -4.98
N LEU B 10 8.22 22.18 -3.82
CA LEU B 10 7.38 22.13 -2.62
C LEU B 10 5.99 22.66 -2.95
N LEU B 11 5.94 23.82 -3.60
CA LEU B 11 4.69 24.54 -3.86
C LEU B 11 4.06 24.28 -5.25
N ALA B 12 4.72 23.46 -6.08
CA ALA B 12 4.23 23.08 -7.41
C ALA B 12 2.75 22.75 -7.52
N PRO B 13 2.14 22.00 -6.57
CA PRO B 13 0.68 21.75 -6.59
C PRO B 13 -0.26 22.94 -6.31
N TRP B 14 0.24 24.02 -5.69
CA TRP B 14 -0.59 25.15 -5.26
C TRP B 14 -0.19 26.48 -5.87
N VAL B 15 1.11 26.74 -5.94
CA VAL B 15 1.65 28.00 -6.45
C VAL B 15 2.64 27.73 -7.58
N PRO B 16 2.21 27.82 -8.86
CA PRO B 16 3.14 27.60 -9.97
C PRO B 16 4.10 28.79 -10.09
N ASP B 17 5.25 28.55 -10.72
CA ASP B 17 6.29 29.56 -10.93
C ASP B 17 6.83 30.15 -9.62
N ALA B 18 6.83 29.35 -8.55
CA ALA B 18 7.39 29.77 -7.27
C ALA B 18 8.91 29.82 -7.44
N PRO B 19 9.61 30.77 -6.77
CA PRO B 19 11.07 30.85 -6.85
C PRO B 19 11.79 29.54 -6.46
N SER B 20 12.99 29.34 -6.99
CA SER B 20 13.81 28.15 -6.72
C SER B 20 14.81 28.43 -5.61
N ARG B 21 14.67 27.74 -4.47
CA ARG B 21 15.58 27.85 -3.31
C ARG B 21 15.73 26.50 -2.63
N ALA B 22 16.97 26.13 -2.32
CA ALA B 22 17.25 24.98 -1.47
C ALA B 22 16.76 25.29 -0.07
N LEU B 23 16.05 24.33 0.54
CA LEU B 23 15.50 24.47 1.88
C LEU B 23 16.11 23.42 2.79
N ARG B 24 16.43 23.82 4.02
CA ARG B 24 17.05 22.95 5.02
C ARG B 24 15.96 22.27 5.85
N GLU B 25 15.59 22.88 6.99
CA GLU B 25 14.48 22.41 7.82
C GLU B 25 13.27 23.32 7.66
N MET B 26 12.12 22.82 8.09
CA MET B 26 10.87 23.57 8.11
C MET B 26 10.55 23.82 9.57
N THR B 27 10.28 25.09 9.94
CA THR B 27 9.94 25.43 11.32
C THR B 27 8.86 26.51 11.44
N LEU B 28 8.09 26.41 12.54
CA LEU B 28 7.12 27.41 12.96
C LEU B 28 7.71 28.33 14.03
N ASP B 29 8.91 27.98 14.52
CA ASP B 29 9.56 28.67 15.62
C ASP B 29 10.70 29.57 15.12
N SER B 30 10.47 30.89 15.17
CA SER B 30 11.43 31.90 14.70
C SER B 30 12.75 31.92 15.50
N ARG B 31 12.68 31.53 16.78
CA ARG B 31 13.85 31.44 17.64
C ARG B 31 14.88 30.41 17.15
N VAL B 32 14.40 29.29 16.60
CA VAL B 32 15.29 28.22 16.12
C VAL B 32 15.53 28.29 14.61
N ALA B 33 14.71 29.08 13.90
CA ALA B 33 14.88 29.30 12.47
C ALA B 33 16.31 29.73 12.22
N ALA B 34 17.03 28.95 11.40
CA ALA B 34 18.43 29.15 11.09
C ALA B 34 18.62 29.35 9.60
N ALA B 35 19.89 29.44 9.19
CA ALA B 35 20.25 29.68 7.80
C ALA B 35 19.79 28.53 6.92
N GLY B 36 19.13 28.88 5.80
CA GLY B 36 18.69 27.92 4.81
C GLY B 36 17.35 27.25 5.11
N ASP B 37 16.75 27.60 6.26
CA ASP B 37 15.47 27.04 6.70
C ASP B 37 14.27 27.60 5.92
N LEU B 38 13.15 26.87 5.99
CA LEU B 38 11.85 27.39 5.62
C LEU B 38 11.17 27.75 6.92
N PHE B 39 10.90 29.03 7.13
CA PHE B 39 10.12 29.50 8.27
C PHE B 39 8.64 29.60 7.85
N VAL B 40 7.75 29.12 8.72
CA VAL B 40 6.32 29.13 8.47
C VAL B 40 5.64 29.97 9.54
N ALA B 41 4.97 31.04 9.09
CA ALA B 41 4.36 32.04 9.97
C ALA B 41 2.85 31.91 9.98
N VAL B 42 2.30 31.40 11.09
CA VAL B 42 0.90 31.05 11.20
C VAL B 42 0.20 31.86 12.29
N VAL B 43 -1.13 31.98 12.15
CA VAL B 43 -1.97 32.68 13.11
C VAL B 43 -2.69 31.65 13.96
N GLY B 44 -2.60 31.82 15.29
CA GLY B 44 -3.35 31.05 16.26
C GLY B 44 -2.45 30.51 17.35
N ALA B 47 -1.08 33.69 18.68
CA ALA B 47 -0.86 35.07 18.29
C ALA B 47 0.12 35.15 17.11
N ASP B 48 -0.39 35.60 15.96
CA ASP B 48 0.34 35.91 14.72
C ASP B 48 1.88 35.76 14.62
N GLY B 49 2.31 34.72 13.89
CA GLY B 49 3.71 34.44 13.65
C GLY B 49 4.40 35.36 12.65
N ARG B 50 3.60 36.12 11.88
CA ARG B 50 4.13 37.09 10.92
C ARG B 50 4.89 38.23 11.63
N ARG B 51 4.58 38.44 12.92
CA ARG B 51 5.35 39.31 13.80
C ARG B 51 6.87 39.09 13.64
N TYR B 52 7.27 37.82 13.58
CA TYR B 52 8.69 37.43 13.60
C TYR B 52 9.36 37.24 12.23
N ILE B 53 8.71 37.74 11.16
CA ILE B 53 9.29 37.67 9.81
C ILE B 53 10.65 38.36 9.72
N PRO B 54 10.81 39.62 10.21
CA PRO B 54 12.14 40.25 10.26
C PRO B 54 13.26 39.44 10.99
N GLN B 55 12.95 38.87 12.16
CA GLN B 55 13.89 38.02 12.90
C GLN B 55 14.39 36.86 12.04
N ALA B 56 13.45 36.22 11.34
CA ALA B 56 13.72 35.04 10.51
C ALA B 56 14.54 35.42 9.27
N ILE B 57 14.21 36.57 8.67
CA ILE B 57 15.01 37.14 7.60
C ILE B 57 16.43 37.43 8.11
N ALA B 58 16.51 38.07 9.28
CA ALA B 58 17.78 38.41 9.93
C ALA B 58 18.64 37.17 10.23
N GLN B 59 17.98 36.04 10.54
CA GLN B 59 18.66 34.79 10.83
C GLN B 59 19.04 33.97 9.58
N GLY B 60 18.64 34.45 8.40
CA GLY B 60 19.07 33.90 7.12
C GLY B 60 18.26 32.75 6.56
N VAL B 61 16.97 32.69 6.90
CA VAL B 61 16.06 31.71 6.30
C VAL B 61 16.09 31.86 4.78
N ALA B 62 16.06 30.73 4.07
CA ALA B 62 16.01 30.73 2.61
C ALA B 62 14.67 31.21 2.05
N ALA B 63 13.59 31.01 2.82
CA ALA B 63 12.21 31.34 2.39
C ALA B 63 11.20 31.32 3.54
N ILE B 64 10.07 31.99 3.32
CA ILE B 64 8.99 32.05 4.30
C ILE B 64 7.66 31.73 3.61
N ILE B 65 6.79 31.02 4.34
CA ILE B 65 5.40 30.80 3.95
C ILE B 65 4.57 31.37 5.10
N ALA B 66 3.59 32.22 4.75
CA ALA B 66 2.86 33.03 5.72
C ALA B 66 1.35 33.00 5.48
N GLU B 67 0.58 33.09 6.58
CA GLU B 67 -0.88 33.18 6.52
C GLU B 67 -1.26 34.40 5.69
N ALA B 68 -2.15 34.21 4.72
CA ALA B 68 -2.56 35.25 3.78
C ALA B 68 -3.61 36.23 4.34
N LYS B 69 -4.38 35.77 5.33
CA LYS B 69 -5.48 36.54 5.95
C LYS B 69 -5.09 37.97 6.29
N ASP B 70 -5.80 38.93 5.66
CA ASP B 70 -5.72 40.37 5.96
C ASP B 70 -4.45 41.05 5.47
N GLU B 71 -3.69 40.37 4.61
CA GLU B 71 -2.40 40.87 4.15
C GLU B 71 -2.13 40.61 2.68
N ALA B 72 -2.71 39.54 2.13
CA ALA B 72 -2.36 39.10 0.78
C ALA B 72 -3.38 38.13 0.23
N THR B 73 -3.28 37.89 -1.08
CA THR B 73 -4.08 36.87 -1.77
C THR B 73 -3.36 35.52 -1.72
N ASP B 74 -4.14 34.45 -1.84
CA ASP B 74 -3.64 33.07 -1.84
C ASP B 74 -2.67 32.87 -3.00
N GLY B 75 -1.48 32.34 -2.69
CA GLY B 75 -0.44 32.11 -3.68
C GLY B 75 0.36 33.35 -4.09
N GLU B 76 0.16 34.47 -3.39
CA GLU B 76 0.86 35.72 -3.68
C GLU B 76 2.34 35.59 -3.29
N ILE B 77 3.22 35.92 -4.24
CA ILE B 77 4.67 35.85 -4.05
C ILE B 77 5.24 37.25 -3.85
N ARG B 78 5.81 37.50 -2.66
CA ARG B 78 6.50 38.75 -2.34
C ARG B 78 7.97 38.47 -2.05
N GLU B 79 8.76 39.55 -1.86
CA GLU B 79 10.22 39.48 -1.75
C GLU B 79 10.74 40.49 -0.73
N MET B 80 11.16 40.00 0.45
CA MET B 80 11.74 40.84 1.50
C MET B 80 13.23 40.55 1.69
N HIS B 81 14.07 41.52 1.31
CA HIS B 81 15.52 41.48 1.47
C HIS B 81 16.12 40.26 0.74
N GLY B 82 15.59 39.97 -0.45
CA GLY B 82 16.01 38.83 -1.25
C GLY B 82 15.39 37.48 -0.89
N VAL B 83 14.63 37.44 0.21
CA VAL B 83 13.99 36.21 0.72
C VAL B 83 12.53 36.11 0.29
N PRO B 84 12.13 35.05 -0.47
CA PRO B 84 10.74 34.90 -0.89
C PRO B 84 9.78 34.69 0.28
N VAL B 85 8.72 35.50 0.34
CA VAL B 85 7.63 35.36 1.28
C VAL B 85 6.38 35.06 0.45
N ILE B 86 5.87 33.83 0.58
CA ILE B 86 4.73 33.34 -0.18
C ILE B 86 3.55 33.15 0.76
N TYR B 87 2.42 33.76 0.42
CA TYR B 87 1.25 33.78 1.28
C TYR B 87 0.25 32.74 0.79
N LEU B 88 -0.35 32.03 1.75
CA LEU B 88 -1.34 31.01 1.47
C LEU B 88 -2.51 31.24 2.40
N SER B 89 -3.72 31.15 1.86
N SER B 89 -3.73 31.13 1.87
CA SER B 89 -4.94 31.24 2.66
C SER B 89 -5.16 29.91 3.37
N GLN B 90 -5.76 29.99 4.57
CA GLN B 90 -6.12 28.81 5.36
C GLN B 90 -4.88 27.95 5.65
N LEU B 91 -3.80 28.61 6.08
CA LEU B 91 -2.50 27.97 6.24
C LEU B 91 -2.54 26.86 7.30
N ASN B 92 -3.25 27.11 8.41
CA ASN B 92 -3.42 26.13 9.49
C ASN B 92 -4.01 24.80 8.95
N GLU B 93 -5.01 24.93 8.08
CA GLU B 93 -5.72 23.81 7.48
C GLU B 93 -4.85 23.05 6.48
N ARG B 94 -3.87 23.74 5.87
CA ARG B 94 -3.02 23.18 4.82
C ARG B 94 -1.63 22.77 5.28
N LEU B 95 -1.31 23.09 6.53
CA LEU B 95 0.03 22.88 7.07
C LEU B 95 0.46 21.42 6.98
N SER B 96 -0.46 20.50 7.30
CA SER B 96 -0.18 19.09 7.23
C SER B 96 0.23 18.69 5.81
N ALA B 97 -0.51 19.15 4.81
CA ALA B 97 -0.26 18.79 3.40
C ALA B 97 1.12 19.31 2.95
N LEU B 98 1.42 20.54 3.37
CA LEU B 98 2.65 21.22 3.01
C LEU B 98 3.86 20.48 3.57
N ALA B 99 3.80 20.19 4.88
CA ALA B 99 4.85 19.43 5.61
C ALA B 99 4.99 18.03 5.03
N GLY B 100 3.86 17.38 4.73
CA GLY B 100 3.85 16.11 4.04
C GLY B 100 4.70 16.09 2.79
N ARG B 101 4.49 17.08 1.91
CA ARG B 101 5.25 17.17 0.66
C ARG B 101 6.73 17.45 0.94
N PHE B 102 6.99 18.35 1.90
CA PHE B 102 8.35 18.70 2.32
C PHE B 102 9.15 17.47 2.79
N TYR B 103 8.49 16.59 3.57
CA TYR B 103 9.16 15.41 4.12
C TYR B 103 9.00 14.11 3.31
N HIS B 104 8.62 14.26 2.03
CA HIS B 104 8.44 13.18 1.07
C HIS B 104 7.36 12.15 1.47
N GLU B 105 6.24 12.67 1.97
CA GLU B 105 5.01 11.89 2.19
C GLU B 105 5.28 10.62 3.00
N PRO B 106 5.75 10.73 4.26
CA PRO B 106 6.11 9.54 5.02
C PRO B 106 4.92 8.56 5.23
N SER B 107 3.69 9.08 5.33
CA SER B 107 2.53 8.20 5.52
C SER B 107 2.17 7.35 4.27
N ASP B 108 2.71 7.74 3.10
CA ASP B 108 2.63 6.94 1.87
C ASP B 108 3.72 5.88 1.80
N ASN B 109 4.66 5.89 2.76
CA ASN B 109 5.82 5.01 2.72
C ASN B 109 5.94 4.08 3.93
N LEU B 110 4.90 4.03 4.76
CA LEU B 110 4.73 2.97 5.73
C LEU B 110 3.23 2.81 5.93
N ARG B 111 2.84 1.77 6.66
CA ARG B 111 1.44 1.52 6.96
C ARG B 111 1.09 2.20 8.28
N LEU B 112 0.29 3.26 8.20
CA LEU B 112 -0.07 4.09 9.34
C LEU B 112 -1.48 3.74 9.80
N VAL B 113 -1.60 3.37 11.07
CA VAL B 113 -2.88 3.14 11.72
C VAL B 113 -3.10 4.17 12.81
N GLY B 114 -4.21 4.93 12.69
CA GLY B 114 -4.64 5.90 13.68
C GLY B 114 -5.65 5.33 14.66
N VAL B 115 -5.47 5.64 15.95
CA VAL B 115 -6.36 5.17 16.99
C VAL B 115 -6.92 6.38 17.73
N THR B 116 -8.25 6.44 17.83
N THR B 116 -8.24 6.37 17.91
CA THR B 116 -8.93 7.55 18.49
CA THR B 116 -9.05 7.50 18.37
C THR B 116 -9.88 7.02 19.53
C THR B 116 -10.05 7.06 19.44
N GLY B 117 -10.28 7.90 20.45
CA GLY B 117 -11.18 7.58 21.54
C GLY B 117 -10.60 7.93 22.89
N THR B 118 -11.40 7.78 23.95
CA THR B 118 -11.02 8.21 25.29
C THR B 118 -10.14 7.16 25.97
N ASN B 119 -10.69 5.95 26.10
CA ASN B 119 -10.04 4.83 26.76
C ASN B 119 -9.45 3.88 25.73
N GLY B 120 -8.45 3.10 26.15
CA GLY B 120 -7.90 2.03 25.34
C GLY B 120 -7.02 2.44 24.15
N LYS B 121 -6.85 3.75 23.95
CA LYS B 121 -6.03 4.30 22.87
C LYS B 121 -4.60 3.87 23.02
N THR B 122 -4.04 4.06 24.22
CA THR B 122 -2.64 3.80 24.46
C THR B 122 -2.35 2.33 24.26
N THR B 123 -3.20 1.46 24.84
CA THR B 123 -2.97 0.01 24.76
C THR B 123 -3.20 -0.55 23.37
N THR B 124 -4.30 -0.13 22.73
CA THR B 124 -4.60 -0.58 21.37
C THR B 124 -3.46 -0.20 20.41
N THR B 125 -2.96 1.04 20.54
N THR B 125 -2.91 1.02 20.51
CA THR B 125 -1.82 1.53 19.78
CA THR B 125 -1.78 1.40 19.64
C THR B 125 -0.61 0.59 19.94
C THR B 125 -0.60 0.49 19.91
N GLN B 126 -0.29 0.27 21.20
CA GLN B 126 0.86 -0.58 21.53
C GLN B 126 0.69 -1.99 21.00
N LEU B 127 -0.50 -2.57 21.19
CA LEU B 127 -0.78 -3.90 20.67
C LEU B 127 -0.64 -3.99 19.14
N LEU B 128 -1.14 -2.96 18.44
CA LEU B 128 -0.99 -2.89 16.98
C LEU B 128 0.49 -2.96 16.57
N ALA B 129 1.32 -2.14 17.22
CA ALA B 129 2.74 -2.07 16.91
C ALA B 129 3.42 -3.40 17.23
N GLN B 130 3.11 -3.97 18.40
CA GLN B 130 3.68 -5.24 18.83
C GLN B 130 3.32 -6.39 17.90
N TRP B 131 2.03 -6.52 17.58
CA TRP B 131 1.53 -7.65 16.80
C TRP B 131 2.07 -7.59 15.35
N SER B 132 1.97 -6.40 14.75
CA SER B 132 2.49 -6.20 13.40
C SER B 132 3.96 -6.56 13.34
N GLN B 133 4.73 -6.17 14.36
CA GLN B 133 6.16 -6.48 14.40
C GLN B 133 6.46 -7.99 14.54
N LEU B 134 5.68 -8.68 15.38
CA LEU B 134 5.73 -10.15 15.47
C LEU B 134 5.47 -10.81 14.11
N LEU B 135 4.68 -10.14 13.25
CA LEU B 135 4.42 -10.65 11.91
C LEU B 135 5.45 -10.21 10.87
N GLY B 136 6.50 -9.49 11.29
CA GLY B 136 7.59 -9.15 10.37
C GLY B 136 7.76 -7.69 9.98
N GLU B 137 6.86 -6.80 10.45
CA GLU B 137 7.04 -5.36 10.24
C GLU B 137 8.14 -4.90 11.17
N ILE B 138 8.70 -3.72 10.86
CA ILE B 138 9.51 -2.96 11.82
C ILE B 138 8.59 -1.83 12.25
N SER B 139 8.06 -1.96 13.47
CA SER B 139 6.94 -1.15 13.89
C SER B 139 7.37 -0.02 14.79
N ALA B 140 6.55 1.04 14.83
CA ALA B 140 6.80 2.23 15.62
C ALA B 140 5.50 2.72 16.23
N VAL B 141 5.62 3.57 17.24
CA VAL B 141 4.48 4.19 17.91
C VAL B 141 4.70 5.68 17.97
N MET B 142 3.59 6.40 17.79
CA MET B 142 3.54 7.84 18.03
C MET B 142 2.38 8.08 18.97
N GLY B 143 2.65 8.78 20.07
CA GLY B 143 1.69 8.94 21.14
C GLY B 143 2.05 10.03 22.12
N THR B 144 1.44 9.98 23.30
CA THR B 144 1.61 10.96 24.35
C THR B 144 2.83 10.61 25.22
N VAL B 145 2.94 9.32 25.58
CA VAL B 145 4.15 8.79 26.21
C VAL B 145 5.35 9.28 25.38
N GLY B 146 5.37 8.92 24.08
CA GLY B 146 6.40 9.36 23.16
C GLY B 146 6.34 8.72 21.77
N ASN B 147 7.37 9.01 20.96
CA ASN B 147 7.49 8.47 19.60
C ASN B 147 8.76 7.64 19.46
N GLY B 148 8.74 6.67 18.52
CA GLY B 148 9.90 5.89 18.18
C GLY B 148 9.61 4.45 17.79
N LEU B 149 10.66 3.74 17.37
CA LEU B 149 10.58 2.33 17.08
C LEU B 149 10.18 1.64 18.36
N LEU B 150 9.45 0.53 18.24
CA LEU B 150 9.06 -0.28 19.38
C LEU B 150 10.30 -0.66 20.18
N GLY B 151 10.27 -0.38 21.50
CA GLY B 151 11.39 -0.62 22.39
C GLY B 151 12.44 0.48 22.45
N LYS B 152 12.22 1.57 21.71
CA LYS B 152 13.12 2.72 21.69
C LYS B 152 12.32 4.02 21.58
N VAL B 153 11.30 4.15 22.44
CA VAL B 153 10.40 5.31 22.43
C VAL B 153 11.04 6.49 23.18
N ILE B 154 10.96 7.68 22.57
CA ILE B 154 11.55 8.91 23.10
C ILE B 154 10.46 9.80 23.70
N PRO B 155 10.51 10.13 25.01
CA PRO B 155 9.45 10.91 25.67
C PRO B 155 9.02 12.20 24.97
N GLY B 161 3.12 20.38 19.92
CA GLY B 161 3.14 19.53 18.74
C GLY B 161 2.25 20.09 17.65
N SER B 162 2.84 20.37 16.48
CA SER B 162 2.13 20.90 15.33
C SER B 162 2.02 19.86 14.21
N ALA B 163 1.28 20.21 13.14
CA ALA B 163 1.19 19.42 11.92
C ALA B 163 2.54 19.15 11.30
N VAL B 164 3.48 20.10 11.46
CA VAL B 164 4.84 19.95 10.94
C VAL B 164 5.64 18.89 11.72
N ASP B 165 5.57 18.94 13.06
CA ASP B 165 6.25 17.97 13.91
C ASP B 165 5.77 16.53 13.65
N VAL B 166 4.46 16.38 13.46
CA VAL B 166 3.88 15.08 13.15
C VAL B 166 4.51 14.52 11.87
N GLN B 167 4.57 15.32 10.81
CA GLN B 167 5.16 14.85 9.54
C GLN B 167 6.66 14.60 9.69
N HIS B 168 7.34 15.52 10.37
CA HIS B 168 8.78 15.42 10.64
C HIS B 168 9.14 14.12 11.38
N GLU B 169 8.39 13.84 12.46
CA GLU B 169 8.61 12.66 13.27
C GLU B 169 8.37 11.40 12.43
N LEU B 170 7.31 11.42 11.63
CA LEU B 170 6.93 10.27 10.82
C LEU B 170 8.00 9.99 9.76
N ALA B 171 8.55 11.04 9.16
CA ALA B 171 9.69 10.92 8.24
C ALA B 171 10.92 10.34 8.93
N GLY B 172 11.19 10.77 10.18
CA GLY B 172 12.27 10.24 11.01
C GLY B 172 12.16 8.74 11.20
N LEU B 173 10.94 8.27 11.50
CA LEU B 173 10.68 6.85 11.65
C LEU B 173 10.90 6.14 10.30
N VAL B 174 10.47 6.76 9.19
CA VAL B 174 10.67 6.15 7.87
C VAL B 174 12.18 5.94 7.64
N ASP B 175 12.97 6.97 7.93
CA ASP B 175 14.43 6.91 7.82
C ASP B 175 15.06 5.82 8.68
N GLN B 176 14.51 5.59 9.87
CA GLN B 176 14.99 4.54 10.74
C GLN B 176 14.56 3.12 10.32
N GLY B 177 13.81 3.00 9.21
CA GLY B 177 13.35 1.72 8.68
C GLY B 177 11.96 1.24 9.07
N ALA B 178 11.19 2.07 9.78
CA ALA B 178 9.81 1.70 10.17
C ALA B 178 8.94 1.43 8.94
N THR B 179 8.21 0.31 8.99
CA THR B 179 7.28 -0.11 7.94
C THR B 179 5.83 -0.05 8.41
N PHE B 180 5.63 0.19 9.70
CA PHE B 180 4.32 0.22 10.33
C PHE B 180 4.42 1.18 11.51
N CYS B 181 3.42 2.07 11.61
CA CYS B 181 3.33 2.98 12.72
C CYS B 181 1.92 3.01 13.26
N ALA B 182 1.77 2.75 14.56
CA ALA B 182 0.52 2.95 15.28
C ALA B 182 0.57 4.30 16.00
N MET B 183 -0.38 5.18 15.68
CA MET B 183 -0.44 6.56 16.16
C MET B 183 -1.70 6.81 16.97
N GLU B 184 -1.51 7.24 18.23
CA GLU B 184 -2.59 7.79 19.04
C GLU B 184 -2.92 9.15 18.49
N VAL B 185 -4.19 9.38 18.16
CA VAL B 185 -4.65 10.69 17.70
C VAL B 185 -5.58 11.30 18.74
N SER B 186 -5.11 12.36 19.41
CA SER B 186 -5.91 13.08 20.41
C SER B 186 -7.05 13.82 19.71
N SER B 187 -8.20 13.89 20.38
CA SER B 187 -9.37 14.64 19.92
C SER B 187 -8.97 16.06 19.49
N HIS B 188 -8.15 16.72 20.31
CA HIS B 188 -7.73 18.09 20.06
C HIS B 188 -6.79 18.22 18.87
N GLY B 189 -5.86 17.27 18.73
CA GLY B 189 -4.95 17.18 17.57
C GLY B 189 -5.73 17.10 16.27
N LEU B 190 -6.79 16.30 16.27
CA LEU B 190 -7.62 16.10 15.11
C LEU B 190 -8.32 17.41 14.71
N VAL B 191 -8.89 18.10 15.71
CA VAL B 191 -9.61 19.35 15.51
C VAL B 191 -8.68 20.47 15.02
N GLN B 192 -7.43 20.47 15.48
CA GLN B 192 -6.44 21.46 15.05
C GLN B 192 -5.73 21.11 13.73
N HIS B 193 -6.22 20.07 13.04
CA HIS B 193 -5.72 19.67 11.72
C HIS B 193 -4.27 19.17 11.72
N ARG B 194 -3.85 18.59 12.87
CA ARG B 194 -2.48 18.12 13.03
C ARG B 194 -2.17 16.87 12.23
N VAL B 195 -3.22 16.12 11.83
CA VAL B 195 -3.06 14.93 11.02
C VAL B 195 -3.88 14.99 9.71
N ALA B 196 -4.27 16.20 9.31
CA ALA B 196 -5.17 16.40 8.17
C ALA B 196 -4.74 15.72 6.86
N ALA B 197 -3.45 15.70 6.54
CA ALA B 197 -3.01 15.14 5.25
C ALA B 197 -2.37 13.74 5.35
N LEU B 198 -2.43 13.12 6.53
CA LEU B 198 -1.86 11.77 6.68
C LEU B 198 -2.74 10.74 6.00
N LYS B 199 -2.10 9.81 5.29
CA LYS B 199 -2.80 8.69 4.68
C LYS B 199 -2.87 7.56 5.69
N PHE B 200 -4.00 7.45 6.39
CA PHE B 200 -4.18 6.36 7.35
C PHE B 200 -4.62 5.13 6.57
N ALA B 201 -3.90 4.01 6.75
CA ALA B 201 -4.34 2.72 6.19
C ALA B 201 -5.57 2.21 6.89
N ALA B 202 -5.72 2.59 8.17
CA ALA B 202 -6.83 2.19 8.99
C ALA B 202 -6.98 3.17 10.16
N SER B 203 -8.22 3.29 10.65
CA SER B 203 -8.59 4.15 11.75
C SER B 203 -9.42 3.30 12.71
N VAL B 204 -9.01 3.30 13.97
CA VAL B 204 -9.64 2.51 15.02
C VAL B 204 -10.32 3.46 15.97
N PHE B 205 -11.62 3.25 16.18
CA PHE B 205 -12.43 4.06 17.06
C PHE B 205 -12.75 3.24 18.31
N THR B 206 -11.95 3.43 19.37
CA THR B 206 -12.08 2.64 20.61
C THR B 206 -13.39 2.99 21.34
N ASN B 207 -13.81 4.24 21.19
CA ASN B 207 -15.12 4.72 21.59
C ASN B 207 -15.36 6.12 21.03
N LEU B 208 -16.60 6.40 20.64
CA LEU B 208 -17.01 7.69 20.06
C LEU B 208 -17.82 8.59 21.03
N SER B 209 -18.26 8.01 22.16
CA SER B 209 -18.91 8.73 23.26
C SER B 209 -17.82 9.50 24.02
N ASP B 218 -26.85 19.90 21.65
CA ASP B 218 -25.40 19.97 21.74
C ASP B 218 -24.73 18.69 21.22
N MET B 219 -25.34 17.53 21.54
CA MET B 219 -24.89 16.25 21.02
C MET B 219 -24.94 16.25 19.48
N GLU B 220 -25.99 16.87 18.93
CA GLU B 220 -26.15 17.03 17.49
C GLU B 220 -24.99 17.81 16.84
N HIS B 221 -24.62 18.94 17.44
CA HIS B 221 -23.47 19.74 16.95
C HIS B 221 -22.15 18.97 17.09
N TYR B 222 -21.97 18.31 18.24
CA TYR B 222 -20.78 17.52 18.48
C TYR B 222 -20.60 16.46 17.38
N GLU B 223 -21.64 15.64 17.17
CA GLU B 223 -21.60 14.59 16.17
C GLU B 223 -21.38 15.13 14.74
N ALA B 224 -22.09 16.21 14.40
CA ALA B 224 -21.97 16.86 13.09
C ALA B 224 -20.56 17.36 12.86
N ALA B 225 -19.99 18.00 13.90
CA ALA B 225 -18.64 18.53 13.84
C ALA B 225 -17.63 17.39 13.62
N LYS B 226 -17.77 16.31 14.41
CA LYS B 226 -16.89 15.13 14.27
C LYS B 226 -17.04 14.45 12.92
N TRP B 227 -18.29 14.24 12.48
CA TRP B 227 -18.52 13.60 11.21
C TRP B 227 -17.89 14.38 10.04
N LEU B 228 -18.00 15.71 10.11
CA LEU B 228 -17.44 16.60 9.09
C LEU B 228 -15.93 16.46 9.09
N LEU B 229 -15.36 16.54 10.30
CA LEU B 229 -13.91 16.42 10.54
C LEU B 229 -13.35 15.13 9.94
N TYR B 230 -13.99 13.99 10.25
CA TYR B 230 -13.58 12.69 9.71
C TYR B 230 -13.80 12.57 8.18
N SER B 231 -14.83 13.24 7.65
CA SER B 231 -15.08 13.28 6.21
C SER B 231 -13.94 13.99 5.41
N GLU B 232 -13.15 14.81 6.09
CA GLU B 232 -12.03 15.53 5.49
C GLU B 232 -10.70 14.78 5.52
N HIS B 233 -10.68 13.62 6.18
CA HIS B 233 -9.43 12.87 6.40
C HIS B 233 -9.46 11.59 5.56
N HIS B 234 -8.28 11.11 5.20
CA HIS B 234 -8.08 9.81 4.59
C HIS B 234 -7.95 8.79 5.73
N CYS B 235 -9.09 8.23 6.15
CA CYS B 235 -9.19 7.34 7.34
C CYS B 235 -8.86 5.89 7.04
N GLY B 236 -8.92 5.52 5.75
CA GLY B 236 -8.70 4.15 5.30
C GLY B 236 -9.77 3.26 5.89
N GLN B 237 -9.40 2.03 6.24
CA GLN B 237 -10.35 1.09 6.86
C GLN B 237 -10.75 1.48 8.27
N ALA B 238 -12.06 1.56 8.51
CA ALA B 238 -12.64 1.97 9.78
C ALA B 238 -12.91 0.76 10.62
N ILE B 239 -12.36 0.74 11.84
CA ILE B 239 -12.59 -0.34 12.78
C ILE B 239 -13.21 0.30 14.00
N ILE B 240 -14.43 -0.14 14.34
CA ILE B 240 -15.24 0.55 15.31
C ILE B 240 -15.72 -0.36 16.39
N ASN B 241 -15.52 0.09 17.64
CA ASN B 241 -16.03 -0.58 18.82
C ASN B 241 -17.54 -0.47 18.87
N ALA B 242 -18.24 -1.58 18.61
CA ALA B 242 -19.69 -1.64 18.65
C ALA B 242 -20.27 -1.68 20.09
N ASP B 243 -19.41 -1.84 21.10
CA ASP B 243 -19.83 -1.78 22.51
C ASP B 243 -19.81 -0.31 23.00
N ASP B 244 -19.98 0.61 22.05
CA ASP B 244 -20.11 2.02 22.29
C ASP B 244 -21.39 2.43 21.57
N GLU B 245 -22.19 3.27 22.24
CA GLU B 245 -23.48 3.70 21.73
C GLU B 245 -23.33 4.49 20.43
N VAL B 246 -22.41 5.45 20.42
CA VAL B 246 -22.18 6.25 19.24
C VAL B 246 -21.55 5.36 18.14
N GLY B 247 -20.62 4.49 18.55
CA GLY B 247 -20.00 3.50 17.68
C GLY B 247 -20.98 2.69 16.85
N ARG B 248 -22.01 2.17 17.52
CA ARG B 248 -23.08 1.43 16.85
C ARG B 248 -23.80 2.30 15.82
N ARG B 249 -24.09 3.55 16.17
CA ARG B 249 -24.79 4.44 15.25
C ARG B 249 -23.95 4.75 14.01
N TRP B 250 -22.66 5.05 14.21
CA TRP B 250 -21.75 5.28 13.10
C TRP B 250 -21.58 4.04 12.22
N LEU B 251 -21.51 2.85 12.83
CA LEU B 251 -21.44 1.59 12.09
C LEU B 251 -22.66 1.41 11.16
N ALA B 252 -23.83 1.86 11.60
CA ALA B 252 -25.05 1.77 10.79
C ALA B 252 -25.02 2.66 9.54
N LYS B 253 -24.17 3.70 9.56
CA LYS B 253 -23.95 4.58 8.42
C LYS B 253 -22.72 4.23 7.55
N LEU B 254 -21.94 3.23 7.97
CA LEU B 254 -20.65 2.89 7.33
C LEU B 254 -20.58 1.41 6.96
N PRO B 255 -21.14 0.99 5.80
CA PRO B 255 -21.24 -0.43 5.46
C PRO B 255 -19.89 -1.16 5.24
N ASP B 256 -18.80 -0.42 5.00
CA ASP B 256 -17.47 -1.00 4.87
C ASP B 256 -16.62 -0.97 6.17
N ALA B 257 -17.19 -0.46 7.26
CA ALA B 257 -16.51 -0.43 8.56
C ALA B 257 -16.62 -1.80 9.22
N VAL B 258 -15.62 -2.16 10.03
CA VAL B 258 -15.58 -3.41 10.76
C VAL B 258 -16.10 -3.17 12.18
N ALA B 259 -17.14 -3.94 12.56
CA ALA B 259 -17.76 -3.90 13.86
C ALA B 259 -17.10 -4.89 14.77
N VAL B 260 -16.71 -4.44 15.95
CA VAL B 260 -16.04 -5.27 16.96
C VAL B 260 -16.80 -5.19 18.29
N SER B 261 -17.05 -6.36 18.90
CA SER B 261 -17.84 -6.47 20.13
C SER B 261 -17.40 -7.63 21.03
N MET B 262 -17.56 -7.45 22.34
CA MET B 262 -17.45 -8.57 23.29
C MET B 262 -18.68 -8.64 24.18
N GLU B 263 -19.74 -7.92 23.78
CA GLU B 263 -21.00 -7.87 24.49
C GLU B 263 -22.17 -8.08 23.53
N ASP B 264 -21.97 -8.92 22.51
CA ASP B 264 -23.05 -9.33 21.60
C ASP B 264 -23.75 -8.15 20.87
N HIS B 265 -22.97 -7.18 20.36
CA HIS B 265 -23.55 -6.05 19.63
C HIS B 265 -23.35 -6.12 18.10
N ILE B 266 -23.01 -7.30 17.59
CA ILE B 266 -22.97 -7.55 16.16
C ILE B 266 -24.37 -7.95 15.69
N ASN B 267 -24.89 -7.23 14.68
CA ASN B 267 -26.11 -7.61 13.97
C ASN B 267 -25.76 -8.33 12.68
N PRO B 268 -25.98 -9.67 12.58
CA PRO B 268 -25.64 -10.40 11.36
C PRO B 268 -26.49 -10.04 10.13
N ASN B 269 -27.64 -9.41 10.33
CA ASN B 269 -28.47 -8.98 9.20
C ASN B 269 -27.76 -7.96 8.28
N SER B 270 -26.79 -7.21 8.81
CA SER B 270 -26.03 -6.23 8.01
C SER B 270 -25.16 -6.81 6.88
N HIS B 271 -24.67 -8.05 7.04
CA HIS B 271 -23.70 -8.67 6.11
C HIS B 271 -22.39 -7.86 5.98
N GLY B 272 -22.01 -7.16 7.06
CA GLY B 272 -20.80 -6.37 7.11
C GLY B 272 -19.69 -7.24 7.64
N ARG B 273 -18.48 -6.68 7.74
CA ARG B 273 -17.37 -7.37 8.38
C ARG B 273 -17.50 -7.20 9.89
N TRP B 274 -17.09 -8.22 10.65
CA TRP B 274 -17.29 -8.22 12.08
C TRP B 274 -16.32 -9.17 12.75
N LEU B 275 -16.15 -8.96 14.07
CA LEU B 275 -15.35 -9.78 14.92
C LEU B 275 -15.93 -9.63 16.32
N LYS B 276 -16.27 -10.75 16.98
CA LYS B 276 -16.77 -10.71 18.33
C LYS B 276 -16.23 -11.85 19.18
N ALA B 277 -16.03 -11.54 20.46
CA ALA B 277 -15.70 -12.54 21.45
C ALA B 277 -16.99 -13.30 21.76
N THR B 278 -16.93 -14.64 21.69
CA THR B 278 -18.04 -15.51 22.05
C THR B 278 -17.94 -16.02 23.51
N GLU B 279 -16.70 -16.14 24.00
CA GLU B 279 -16.39 -16.66 25.32
C GLU B 279 -15.05 -16.12 25.80
N VAL B 280 -14.96 -15.75 27.08
CA VAL B 280 -13.68 -15.40 27.69
C VAL B 280 -13.55 -16.11 29.01
N ASN B 281 -12.49 -16.91 29.14
CA ASN B 281 -12.08 -17.44 30.43
C ASN B 281 -10.94 -16.60 30.97
N TYR B 282 -11.23 -15.84 32.03
CA TYR B 282 -10.27 -15.04 32.76
C TYR B 282 -9.64 -15.90 33.84
N HIS B 283 -8.32 -16.10 33.75
CA HIS B 283 -7.57 -16.88 34.76
C HIS B 283 -6.32 -16.15 35.24
N ASP B 284 -5.49 -16.82 36.04
CA ASP B 284 -4.41 -16.17 36.76
C ASP B 284 -3.40 -15.41 35.88
N SER B 285 -3.09 -15.95 34.70
CA SER B 285 -2.03 -15.43 33.84
C SER B 285 -2.53 -14.55 32.70
N GLY B 286 -3.85 -14.45 32.54
CA GLY B 286 -4.46 -13.69 31.45
C GLY B 286 -5.84 -14.19 31.13
N ALA B 287 -6.14 -14.28 29.83
CA ALA B 287 -7.47 -14.61 29.35
C ALA B 287 -7.39 -15.49 28.11
N THR B 288 -8.22 -16.54 28.10
CA THR B 288 -8.45 -17.33 26.91
C THR B 288 -9.70 -16.80 26.22
N ILE B 289 -9.49 -16.22 25.03
CA ILE B 289 -10.51 -15.48 24.32
C ILE B 289 -10.92 -16.31 23.10
N ARG B 290 -12.20 -16.70 23.05
CA ARG B 290 -12.75 -17.41 21.90
C ARG B 290 -13.54 -16.40 21.11
N PHE B 291 -13.30 -16.35 19.80
CA PHE B 291 -13.94 -15.39 18.96
C PHE B 291 -14.39 -15.99 17.64
N SER B 292 -15.39 -15.34 17.03
N SER B 292 -15.38 -15.35 17.02
CA SER B 292 -15.82 -15.59 15.67
CA SER B 292 -15.76 -15.61 15.65
C SER B 292 -15.68 -14.30 14.87
C SER B 292 -15.61 -14.31 14.88
N SER B 293 -15.59 -14.42 13.54
CA SER B 293 -15.41 -13.27 12.67
C SER B 293 -15.67 -13.64 11.19
N SER B 294 -15.85 -12.62 10.35
CA SER B 294 -16.04 -12.83 8.92
C SER B 294 -14.78 -13.37 8.25
N TRP B 295 -13.64 -13.30 8.94
CA TRP B 295 -12.41 -13.94 8.50
C TRP B 295 -12.25 -15.36 9.02
N GLY B 296 -13.18 -15.80 9.88
CA GLY B 296 -13.09 -17.08 10.54
C GLY B 296 -12.99 -16.95 12.05
N ASP B 297 -12.92 -18.11 12.70
CA ASP B 297 -13.02 -18.24 14.15
C ASP B 297 -11.70 -18.72 14.73
N GLY B 298 -11.58 -18.65 16.06
CA GLY B 298 -10.36 -19.07 16.71
C GLY B 298 -10.32 -18.83 18.19
N GLU B 299 -9.14 -19.07 18.78
CA GLU B 299 -8.91 -18.94 20.20
C GLU B 299 -7.54 -18.31 20.39
N ILE B 300 -7.47 -17.30 21.27
CA ILE B 300 -6.26 -16.56 21.62
C ILE B 300 -5.97 -16.65 23.12
N GLU B 301 -4.70 -16.91 23.47
CA GLU B 301 -4.25 -16.90 24.84
C GLU B 301 -3.62 -15.53 25.07
N SER B 302 -4.38 -14.62 25.68
CA SER B 302 -3.87 -13.30 26.00
C SER B 302 -3.19 -13.34 27.35
N HIS B 303 -2.05 -12.65 27.46
CA HIS B 303 -1.36 -12.43 28.72
C HIS B 303 -1.59 -11.01 29.26
N LEU B 304 -2.69 -10.39 28.83
CA LEU B 304 -3.15 -9.10 29.35
C LEU B 304 -4.30 -9.35 30.30
N MET B 305 -4.47 -8.43 31.25
CA MET B 305 -5.48 -8.55 32.30
C MET B 305 -6.67 -7.60 32.11
N GLY B 306 -7.88 -8.13 32.35
CA GLY B 306 -9.10 -7.36 32.45
C GLY B 306 -9.90 -7.35 31.18
N ALA B 307 -11.17 -6.95 31.30
CA ALA B 307 -12.12 -6.95 30.19
C ALA B 307 -11.79 -5.88 29.14
N PHE B 308 -11.31 -4.71 29.60
CA PHE B 308 -10.96 -3.64 28.67
C PHE B 308 -9.84 -4.07 27.71
N ASN B 309 -8.86 -4.83 28.22
CA ASN B 309 -7.76 -5.32 27.41
C ASN B 309 -8.15 -6.46 26.44
N VAL B 310 -9.24 -7.19 26.75
CA VAL B 310 -9.85 -8.10 25.78
C VAL B 310 -10.35 -7.26 24.59
N SER B 311 -11.09 -6.20 24.89
CA SER B 311 -11.61 -5.29 23.85
C SER B 311 -10.49 -4.65 23.03
N ASN B 312 -9.45 -4.15 23.72
CA ASN B 312 -8.34 -3.54 23.05
C ASN B 312 -7.65 -4.53 22.09
N LEU B 313 -7.47 -5.78 22.55
CA LEU B 313 -6.85 -6.82 21.77
C LEU B 313 -7.70 -7.17 20.54
N LEU B 314 -9.01 -7.35 20.75
CA LEU B 314 -9.96 -7.62 19.66
C LEU B 314 -9.97 -6.51 18.59
N LEU B 315 -9.83 -5.25 19.03
CA LEU B 315 -9.77 -4.13 18.11
C LEU B 315 -8.50 -4.20 17.28
N ALA B 316 -7.36 -4.49 17.91
CA ALA B 316 -6.09 -4.66 17.17
C ALA B 316 -6.16 -5.83 16.19
N LEU B 317 -6.73 -6.96 16.62
CA LEU B 317 -6.94 -8.14 15.76
C LEU B 317 -7.79 -7.82 14.52
N ALA B 318 -8.96 -7.21 14.75
CA ALA B 318 -9.89 -6.85 13.65
C ALA B 318 -9.20 -5.92 12.64
N THR B 319 -8.45 -4.94 13.15
CA THR B 319 -7.66 -4.02 12.33
C THR B 319 -6.64 -4.74 11.44
N LEU B 320 -5.84 -5.62 12.05
CA LEU B 320 -4.80 -6.33 11.33
C LEU B 320 -5.40 -7.32 10.31
N LEU B 321 -6.50 -7.97 10.68
CA LEU B 321 -7.25 -8.78 9.72
C LEU B 321 -7.74 -7.96 8.52
N ALA B 322 -8.22 -6.74 8.78
CA ALA B 322 -8.73 -5.84 7.74
C ALA B 322 -7.60 -5.41 6.83
N LEU B 323 -6.40 -5.25 7.40
CA LEU B 323 -5.23 -4.86 6.63
C LEU B 323 -4.63 -6.00 5.84
N GLY B 324 -5.14 -7.22 6.04
CA GLY B 324 -4.78 -8.38 5.22
C GLY B 324 -3.77 -9.33 5.83
N TYR B 325 -3.41 -9.11 7.11
CA TYR B 325 -2.56 -10.06 7.82
C TYR B 325 -3.33 -11.36 8.03
N PRO B 326 -2.73 -12.54 7.74
CA PRO B 326 -3.48 -13.80 7.76
C PRO B 326 -3.87 -14.23 9.18
N LEU B 327 -5.11 -14.70 9.33
CA LEU B 327 -5.62 -15.14 10.62
C LEU B 327 -4.67 -16.13 11.31
N ALA B 328 -4.16 -17.11 10.57
CA ALA B 328 -3.29 -18.14 11.15
C ALA B 328 -2.01 -17.57 11.78
N ASP B 329 -1.44 -16.54 11.15
CA ASP B 329 -0.20 -15.94 11.64
C ASP B 329 -0.46 -15.08 12.86
N LEU B 330 -1.60 -14.38 12.87
CA LEU B 330 -2.02 -13.56 14.02
C LEU B 330 -2.24 -14.46 15.26
N LEU B 331 -2.97 -15.57 15.08
CA LEU B 331 -3.23 -16.53 16.16
C LEU B 331 -1.93 -17.12 16.71
N LYS B 332 -0.99 -17.41 15.81
CA LYS B 332 0.29 -18.01 16.15
C LYS B 332 1.17 -17.05 16.96
N THR B 333 0.95 -15.73 16.82
CA THR B 333 1.78 -14.72 17.48
C THR B 333 1.14 -14.10 18.73
N ALA B 334 -0.15 -14.39 18.94
CA ALA B 334 -0.94 -13.70 19.96
C ALA B 334 -0.39 -13.86 21.38
N ALA B 335 0.10 -15.06 21.68
CA ALA B 335 0.63 -15.40 23.01
C ALA B 335 1.88 -14.60 23.37
N ARG B 336 2.51 -13.97 22.38
CA ARG B 336 3.65 -13.10 22.62
C ARG B 336 3.34 -11.63 22.86
N LEU B 337 2.06 -11.24 22.73
CA LEU B 337 1.66 -9.88 23.08
C LEU B 337 1.86 -9.70 24.58
N GLN B 338 2.46 -8.57 24.97
CA GLN B 338 2.74 -8.26 26.36
C GLN B 338 2.01 -7.02 26.85
N PRO B 339 1.79 -6.90 28.18
CA PRO B 339 1.20 -5.69 28.75
C PRO B 339 2.05 -4.47 28.47
N VAL B 340 1.40 -3.31 28.34
CA VAL B 340 2.05 -2.00 28.37
C VAL B 340 2.69 -1.87 29.76
N SER B 341 3.94 -1.41 29.82
CA SER B 341 4.70 -1.42 31.08
C SER B 341 3.98 -0.58 32.15
N GLY B 342 3.92 -1.11 33.37
CA GLY B 342 3.22 -0.47 34.47
C GLY B 342 1.70 -0.49 34.40
N ARG B 343 1.15 -1.13 33.35
CA ARG B 343 -0.29 -1.26 33.16
C ARG B 343 -0.74 -2.72 33.31
N MET B 344 -1.35 -3.02 34.46
CA MET B 344 -1.88 -4.34 34.77
C MET B 344 -0.89 -5.44 34.36
N GLU B 345 0.37 -5.28 34.79
CA GLU B 345 1.43 -6.24 34.46
C GLU B 345 1.39 -7.39 35.46
N VAL B 346 1.18 -8.60 34.95
CA VAL B 346 0.96 -9.78 35.76
C VAL B 346 2.23 -10.60 35.95
N PHE B 347 2.41 -11.12 37.18
CA PHE B 347 3.55 -11.97 37.51
C PHE B 347 2.97 -13.20 38.13
N THR B 348 3.27 -14.36 37.55
CA THR B 348 2.82 -15.65 38.07
C THR B 348 4.02 -16.51 38.39
N ALA B 349 3.84 -17.42 39.34
CA ALA B 349 4.84 -18.41 39.64
C ALA B 349 4.17 -19.64 40.22
N PRO B 350 4.76 -20.84 40.01
CA PRO B 350 4.17 -22.10 40.47
C PRO B 350 3.86 -22.06 41.94
N GLY B 351 2.61 -22.34 42.30
CA GLY B 351 2.21 -22.49 43.70
C GLY B 351 2.26 -21.22 44.53
N LYS B 352 2.31 -20.06 43.86
CA LYS B 352 2.35 -18.75 44.52
C LYS B 352 1.17 -17.90 44.10
N PRO B 353 0.78 -16.89 44.91
CA PRO B 353 -0.30 -15.98 44.52
C PRO B 353 0.08 -15.26 43.21
N THR B 354 -0.91 -14.89 42.41
CA THR B 354 -0.69 -14.04 41.25
C THR B 354 -0.58 -12.60 41.74
N VAL B 355 0.40 -11.86 41.20
CA VAL B 355 0.64 -10.48 41.57
C VAL B 355 0.56 -9.60 40.32
N VAL B 356 -0.19 -8.50 40.42
CA VAL B 356 -0.35 -7.55 39.33
C VAL B 356 0.23 -6.22 39.80
N VAL B 357 1.14 -5.65 39.01
CA VAL B 357 1.70 -4.33 39.27
C VAL B 357 1.04 -3.32 38.30
N ASP B 358 0.40 -2.30 38.87
CA ASP B 358 -0.29 -1.27 38.10
C ASP B 358 0.00 0.14 38.66
N TYR B 359 0.08 1.10 37.74
CA TYR B 359 0.39 2.51 38.05
C TYR B 359 -0.74 3.27 38.81
N ALA B 360 -1.94 2.69 38.88
CA ALA B 360 -3.13 3.37 39.41
C ALA B 360 -2.81 4.14 40.69
N HIS B 361 -3.06 5.46 40.69
CA HIS B 361 -2.83 6.32 41.85
C HIS B 361 -3.92 7.38 42.07
N THR B 362 -5.12 7.12 41.55
CA THR B 362 -6.30 7.96 41.74
C THR B 362 -7.46 7.01 42.06
N PRO B 363 -8.57 7.50 42.66
CA PRO B 363 -9.69 6.61 42.99
C PRO B 363 -10.24 5.82 41.80
N ASP B 364 -10.46 6.49 40.66
N ASP B 364 -10.44 6.49 40.66
CA ASP B 364 -11.02 5.86 39.46
CA ASP B 364 -10.99 5.88 39.44
C ASP B 364 -10.09 4.81 38.84
C ASP B 364 -10.08 4.80 38.90
N ALA B 365 -8.79 5.13 38.74
CA ALA B 365 -7.81 4.17 38.22
C ALA B 365 -7.70 2.94 39.14
N LEU B 366 -7.68 3.19 40.47
CA LEU B 366 -7.61 2.11 41.42
C LEU B 366 -8.85 1.18 41.33
N GLU B 367 -10.05 1.76 41.26
CA GLU B 367 -11.27 0.99 41.07
C GLU B 367 -11.21 0.13 39.80
N LYS B 368 -10.81 0.75 38.67
CA LYS B 368 -10.69 0.05 37.40
C LYS B 368 -9.71 -1.14 37.49
N ALA B 369 -8.54 -0.91 38.11
CA ALA B 369 -7.52 -1.95 38.26
C ALA B 369 -8.00 -3.16 39.09
N LEU B 370 -8.71 -2.86 40.20
CA LEU B 370 -9.24 -3.88 41.10
C LEU B 370 -10.37 -4.69 40.44
N GLN B 371 -11.23 -3.99 39.70
CA GLN B 371 -12.29 -4.61 38.90
C GLN B 371 -11.72 -5.59 37.87
N ALA B 372 -10.65 -5.17 37.18
CA ALA B 372 -9.96 -6.01 36.23
C ALA B 372 -9.32 -7.23 36.92
N ALA B 373 -8.55 -6.98 38.00
CA ALA B 373 -7.87 -8.03 38.74
C ALA B 373 -8.88 -9.07 39.26
N ARG B 374 -10.06 -8.61 39.70
CA ARG B 374 -11.09 -9.46 40.25
C ARG B 374 -11.49 -10.57 39.30
N LEU B 375 -11.60 -10.24 38.01
CA LEU B 375 -11.99 -11.19 36.96
C LEU B 375 -11.08 -12.39 36.91
N HIS B 376 -9.80 -12.19 37.25
CA HIS B 376 -8.79 -13.24 37.22
C HIS B 376 -8.54 -13.92 38.58
N CYS B 377 -9.37 -13.59 39.58
CA CYS B 377 -9.11 -13.97 40.97
C CYS B 377 -10.14 -14.99 41.47
N ALA B 378 -9.69 -16.24 41.63
CA ALA B 378 -10.51 -17.31 42.16
C ALA B 378 -10.70 -17.19 43.68
N GLY B 379 -9.65 -16.72 44.37
CA GLY B 379 -9.67 -16.64 45.84
C GLY B 379 -9.97 -15.25 46.32
N LYS B 380 -9.06 -14.70 47.14
CA LYS B 380 -9.15 -13.34 47.68
C LYS B 380 -8.27 -12.34 46.92
N LEU B 381 -8.81 -11.14 46.74
CA LEU B 381 -8.14 -10.01 46.12
C LEU B 381 -7.56 -9.07 47.19
N TRP B 382 -6.23 -8.91 47.17
CA TRP B 382 -5.49 -8.06 48.07
C TRP B 382 -5.10 -6.82 47.30
N CYS B 383 -5.06 -5.67 48.00
CA CYS B 383 -4.64 -4.42 47.42
C CYS B 383 -3.61 -3.73 48.30
N VAL B 384 -2.42 -3.55 47.75
CA VAL B 384 -1.34 -2.85 48.42
C VAL B 384 -1.16 -1.51 47.73
N PHE B 385 -1.25 -0.44 48.51
CA PHE B 385 -1.17 0.92 47.99
C PHE B 385 -0.93 1.92 49.10
N GLY B 386 -0.54 3.13 48.69
CA GLY B 386 -0.47 4.32 49.52
C GLY B 386 -0.80 5.56 48.71
N CYS B 387 -0.54 6.74 49.28
CA CYS B 387 -0.77 8.01 48.61
C CYS B 387 0.40 8.96 48.81
N GLY B 388 0.63 9.82 47.82
CA GLY B 388 1.74 10.76 47.84
C GLY B 388 1.60 11.80 48.92
N GLY B 389 2.73 12.17 49.51
CA GLY B 389 2.77 13.19 50.54
C GLY B 389 2.88 14.57 49.93
N ASP B 390 2.53 15.58 50.73
CA ASP B 390 2.64 17.02 50.38
C ASP B 390 1.81 17.44 49.20
N ARG B 391 0.76 16.68 48.87
CA ARG B 391 -0.13 17.04 47.77
C ARG B 391 -1.25 16.05 47.60
N ASP B 392 -2.26 16.49 46.86
CA ASP B 392 -3.40 15.68 46.44
C ASP B 392 -4.00 14.87 47.59
N LYS B 393 -4.38 15.58 48.66
CA LYS B 393 -4.82 14.96 49.91
C LYS B 393 -6.27 14.49 49.90
N GLY B 394 -7.11 15.18 49.10
CA GLY B 394 -8.51 14.82 48.94
C GLY B 394 -8.76 13.39 48.47
N LYS B 395 -7.87 12.86 47.61
CA LYS B 395 -8.00 11.50 47.09
C LYS B 395 -7.81 10.39 48.14
N ARG B 396 -7.22 10.71 49.29
CA ARG B 396 -6.81 9.72 50.28
C ARG B 396 -7.97 8.89 50.82
N PRO B 397 -9.02 9.51 51.43
CA PRO B 397 -10.16 8.73 51.95
C PRO B 397 -10.91 7.98 50.85
N LEU B 398 -10.92 8.55 49.64
CA LEU B 398 -11.60 7.99 48.48
C LEU B 398 -10.87 6.72 48.03
N MET B 399 -9.54 6.79 47.98
N MET B 399 -9.53 6.79 47.97
CA MET B 399 -8.77 5.59 47.67
CA MET B 399 -8.69 5.64 47.71
C MET B 399 -8.93 4.53 48.76
C MET B 399 -8.90 4.54 48.75
N GLY B 400 -9.00 4.96 50.03
CA GLY B 400 -9.33 4.07 51.13
C GLY B 400 -10.63 3.28 50.92
N ALA B 401 -11.71 4.01 50.65
CA ALA B 401 -13.05 3.44 50.42
C ALA B 401 -13.10 2.46 49.24
N ILE B 402 -12.37 2.79 48.17
CA ILE B 402 -12.29 1.96 46.95
C ILE B 402 -11.60 0.63 47.24
N ALA B 403 -10.44 0.70 47.90
CA ALA B 403 -9.70 -0.50 48.29
C ALA B 403 -10.53 -1.41 49.19
N GLU B 404 -11.28 -0.80 50.12
CA GLU B 404 -12.12 -1.55 51.02
C GLU B 404 -13.26 -2.24 50.28
N GLU B 405 -13.87 -1.52 49.34
CA GLU B 405 -15.04 -2.01 48.62
C GLU B 405 -14.67 -3.07 47.57
N PHE B 406 -13.65 -2.77 46.76
CA PHE B 406 -13.34 -3.57 45.56
C PHE B 406 -12.28 -4.62 45.72
N ALA B 407 -11.64 -4.67 46.89
CA ALA B 407 -10.72 -5.73 47.24
C ALA B 407 -11.19 -6.37 48.52
N ASP B 408 -10.72 -7.60 48.78
CA ASP B 408 -11.03 -8.34 50.00
C ASP B 408 -10.11 -7.96 51.16
N VAL B 409 -8.84 -7.65 50.87
CA VAL B 409 -7.90 -7.24 51.89
C VAL B 409 -7.16 -6.00 51.39
N ALA B 410 -7.14 -4.96 52.24
CA ALA B 410 -6.44 -3.73 51.93
C ALA B 410 -5.21 -3.64 52.78
N VAL B 411 -4.07 -3.50 52.12
CA VAL B 411 -2.79 -3.33 52.80
C VAL B 411 -2.27 -1.91 52.51
N VAL B 412 -2.35 -1.02 53.50
CA VAL B 412 -2.04 0.38 53.31
C VAL B 412 -0.60 0.64 53.71
N THR B 413 0.17 1.21 52.78
CA THR B 413 1.58 1.45 52.96
C THR B 413 1.97 2.84 52.43
N ASP B 414 3.28 3.07 52.28
CA ASP B 414 3.83 4.34 51.79
C ASP B 414 3.98 4.32 50.28
N ASP B 415 3.79 5.51 49.69
CA ASP B 415 4.01 5.78 48.29
C ASP B 415 4.46 7.26 48.13
N ASN B 416 5.78 7.47 48.06
CA ASN B 416 6.37 8.80 47.95
C ASN B 416 5.81 9.74 49.02
N PRO B 417 6.09 9.53 50.32
CA PRO B 417 5.59 10.41 51.37
C PRO B 417 6.23 11.83 51.39
N ARG B 418 7.32 12.04 50.65
CA ARG B 418 8.01 13.34 50.56
C ARG B 418 8.39 13.81 51.96
N THR B 419 7.96 15.01 52.39
CA THR B 419 8.34 15.54 53.71
C THR B 419 7.26 15.33 54.77
N GLU B 420 6.09 14.88 54.33
CA GLU B 420 4.96 14.58 55.20
C GLU B 420 5.18 13.31 56.03
N GLU B 421 4.68 13.33 57.27
CA GLU B 421 4.75 12.22 58.19
C GLU B 421 4.02 11.04 57.56
N PRO B 422 4.70 9.91 57.24
CA PRO B 422 4.04 8.80 56.52
C PRO B 422 2.75 8.31 57.15
N ARG B 423 2.76 8.13 58.48
CA ARG B 423 1.59 7.70 59.24
C ARG B 423 0.39 8.68 59.09
N ALA B 424 0.66 9.98 58.99
CA ALA B 424 -0.43 10.95 58.82
C ALA B 424 -1.19 10.70 57.50
N ILE B 425 -0.45 10.38 56.44
CA ILE B 425 -1.02 10.05 55.13
C ILE B 425 -1.92 8.81 55.25
N ILE B 426 -1.41 7.77 55.90
CA ILE B 426 -2.12 6.52 56.10
C ILE B 426 -3.42 6.74 56.90
N ASN B 427 -3.38 7.57 57.94
CA ASN B 427 -4.58 7.92 58.69
C ASN B 427 -5.65 8.60 57.83
N ASP B 428 -5.21 9.50 56.95
CA ASP B 428 -6.11 10.13 55.98
C ASP B 428 -6.76 9.09 55.06
N ILE B 429 -6.01 8.04 54.69
CA ILE B 429 -6.56 6.97 53.85
C ILE B 429 -7.58 6.16 54.65
N LEU B 430 -7.20 5.75 55.86
CA LEU B 430 -8.05 4.98 56.75
C LEU B 430 -9.35 5.69 57.10
N ALA B 431 -9.29 7.03 57.16
CA ALA B 431 -10.44 7.89 57.45
C ALA B 431 -11.64 7.57 56.55
N GLY B 432 -11.35 7.13 55.31
CA GLY B 432 -12.35 6.88 54.30
C GLY B 432 -13.04 5.52 54.39
N MET B 433 -12.57 4.63 55.27
CA MET B 433 -13.07 3.26 55.33
C MET B 433 -14.11 3.09 56.43
N LEU B 434 -15.06 2.18 56.19
CA LEU B 434 -16.12 1.80 57.12
C LEU B 434 -15.57 0.92 58.21
N ASP B 435 -14.59 0.08 57.87
CA ASP B 435 -13.99 -0.87 58.80
C ASP B 435 -12.47 -0.83 58.70
N ALA B 436 -11.89 0.31 59.09
CA ALA B 436 -10.47 0.52 59.06
C ALA B 436 -9.72 -0.49 59.87
N GLY B 437 -10.37 -1.02 60.92
CA GLY B 437 -9.79 -2.02 61.80
C GLY B 437 -9.40 -3.31 61.10
N HIS B 438 -10.07 -3.62 59.98
CA HIS B 438 -9.76 -4.80 59.20
C HIS B 438 -8.74 -4.56 58.08
N ALA B 439 -8.39 -3.29 57.81
CA ALA B 439 -7.26 -2.97 56.93
C ALA B 439 -5.95 -3.35 57.63
N LYS B 440 -4.94 -3.71 56.83
CA LYS B 440 -3.61 -3.99 57.34
C LYS B 440 -2.80 -2.77 57.02
N VAL B 441 -1.99 -2.32 57.98
CA VAL B 441 -1.13 -1.17 57.80
C VAL B 441 0.28 -1.65 58.00
N MET B 442 1.14 -1.42 57.02
CA MET B 442 2.54 -1.73 57.18
C MET B 442 3.39 -0.76 56.42
N GLU B 443 4.29 -0.11 57.16
CA GLU B 443 5.25 0.79 56.60
C GLU B 443 6.58 0.11 56.38
N GLY B 444 7.29 0.67 55.39
CA GLY B 444 8.17 -0.03 54.53
C GLY B 444 7.23 -0.53 53.46
N ARG B 445 7.31 0.07 52.26
CA ARG B 445 6.51 -0.44 51.13
C ARG B 445 6.96 -1.84 50.76
N ALA B 446 8.28 -2.07 50.72
CA ALA B 446 8.83 -3.42 50.43
C ALA B 446 8.27 -4.48 51.39
N GLU B 447 8.21 -4.10 52.67
CA GLU B 447 7.67 -4.93 53.72
C GLU B 447 6.18 -5.22 53.53
N ALA B 448 5.42 -4.18 53.16
CA ALA B 448 3.97 -4.33 52.92
C ALA B 448 3.67 -5.26 51.76
N VAL B 449 4.38 -5.07 50.64
CA VAL B 449 4.29 -5.96 49.49
C VAL B 449 4.63 -7.42 49.91
N THR B 450 5.72 -7.56 50.66
CA THR B 450 6.15 -8.85 51.16
C THR B 450 5.02 -9.51 51.98
N SER B 451 4.45 -8.73 52.92
CA SER B 451 3.39 -9.21 53.81
C SER B 451 2.20 -9.78 53.05
N ALA B 452 1.78 -9.08 51.99
CA ALA B 452 0.69 -9.52 51.14
C ALA B 452 1.03 -10.79 50.39
N VAL B 453 2.17 -10.76 49.70
CA VAL B 453 2.57 -11.85 48.83
C VAL B 453 2.76 -13.15 49.65
N MET B 454 3.39 -13.03 50.82
CA MET B 454 3.70 -14.18 51.68
C MET B 454 2.48 -14.75 52.41
N GLN B 455 1.45 -13.93 52.65
CA GLN B 455 0.25 -14.38 53.33
C GLN B 455 -0.84 -14.85 52.36
N ALA B 456 -0.83 -14.28 51.14
CA ALA B 456 -1.83 -14.63 50.14
C ALA B 456 -1.72 -16.11 49.76
N LYS B 457 -2.89 -16.72 49.53
CA LYS B 457 -2.97 -18.10 49.04
C LYS B 457 -2.65 -18.17 47.57
N GLU B 458 -2.45 -19.40 47.08
CA GLU B 458 -2.12 -19.72 45.69
C GLU B 458 -3.13 -19.21 44.68
N ASN B 459 -4.43 -19.26 45.03
CA ASN B 459 -5.49 -18.80 44.14
C ASN B 459 -5.91 -17.34 44.39
N ASP B 460 -5.14 -16.61 45.20
CA ASP B 460 -5.36 -15.21 45.45
C ASP B 460 -4.65 -14.36 44.37
N VAL B 461 -5.09 -13.12 44.25
CA VAL B 461 -4.43 -12.11 43.44
C VAL B 461 -4.07 -10.94 44.35
N VAL B 462 -2.85 -10.43 44.17
CA VAL B 462 -2.37 -9.26 44.88
C VAL B 462 -2.07 -8.15 43.88
N LEU B 463 -2.82 -7.05 43.98
CA LEU B 463 -2.58 -5.88 43.17
C LEU B 463 -1.69 -4.95 43.96
N VAL B 464 -0.54 -4.60 43.37
CA VAL B 464 0.40 -3.60 43.94
C VAL B 464 0.26 -2.36 43.09
N ALA B 465 -0.42 -1.35 43.62
CA ALA B 465 -0.84 -0.15 42.90
C ALA B 465 -0.06 1.11 43.30
N GLY B 466 0.14 1.99 42.31
CA GLY B 466 0.57 3.34 42.57
C GLY B 466 1.82 3.77 41.84
N LYS B 467 2.65 2.81 41.43
CA LYS B 467 3.97 3.13 40.89
C LYS B 467 4.18 2.69 39.44
N GLY B 468 3.63 1.53 39.09
CA GLY B 468 3.84 0.93 37.78
C GLY B 468 5.32 0.62 37.59
N HIS B 469 5.96 1.33 36.65
CA HIS B 469 7.40 1.26 36.40
C HIS B 469 8.17 2.51 36.93
N GLU B 470 7.48 3.38 37.67
CA GLU B 470 8.10 4.57 38.28
C GLU B 470 8.92 4.12 39.49
N ASP B 471 10.17 3.72 39.22
CA ASP B 471 10.98 2.95 40.15
C ASP B 471 11.82 3.80 41.09
N TYR B 472 11.13 4.45 42.03
CA TYR B 472 11.74 5.20 43.12
C TYR B 472 10.71 5.36 44.23
N GLN B 473 11.17 5.76 45.41
CA GLN B 473 10.35 6.12 46.56
C GLN B 473 10.91 7.46 47.05
N ILE B 474 10.12 8.53 46.93
CA ILE B 474 10.54 9.86 47.35
C ILE B 474 10.27 10.03 48.84
N VAL B 475 11.36 10.01 49.63
CA VAL B 475 11.34 10.17 51.08
C VAL B 475 12.19 11.40 51.43
N GLY B 476 11.54 12.41 52.03
CA GLY B 476 12.11 13.73 52.19
C GLY B 476 12.19 14.44 50.86
N ASN B 477 13.41 14.84 50.48
CA ASN B 477 13.73 15.41 49.18
C ASN B 477 14.32 14.37 48.23
N GLN B 478 14.89 13.29 48.80
CA GLN B 478 15.70 12.32 48.07
C GLN B 478 14.89 11.20 47.41
N ARG B 479 15.17 11.00 46.11
CA ARG B 479 14.60 9.93 45.32
C ARG B 479 15.39 8.62 45.53
N LEU B 480 14.93 7.80 46.47
CA LEU B 480 15.56 6.50 46.81
C LEU B 480 15.22 5.42 45.80
N ASP B 481 16.14 4.47 45.62
CA ASP B 481 15.94 3.36 44.69
C ASP B 481 14.98 2.35 45.28
N TYR B 482 13.94 2.05 44.51
CA TYR B 482 12.97 1.03 44.88
C TYR B 482 12.19 0.67 43.63
N SER B 483 11.77 -0.60 43.53
CA SER B 483 10.93 -1.04 42.44
C SER B 483 9.93 -2.12 42.89
N ASP B 484 8.64 -1.82 42.70
CA ASP B 484 7.58 -2.81 42.89
C ASP B 484 7.84 -4.07 42.09
N ARG B 485 8.16 -3.91 40.79
CA ARG B 485 8.42 -5.04 39.87
C ARG B 485 9.55 -5.94 40.37
N VAL B 486 10.65 -5.32 40.81
CA VAL B 486 11.83 -6.05 41.26
C VAL B 486 11.50 -6.80 42.56
N THR B 487 10.79 -6.13 43.46
CA THR B 487 10.41 -6.71 44.76
C THR B 487 9.52 -7.94 44.54
N VAL B 488 8.48 -7.76 43.74
CA VAL B 488 7.54 -8.82 43.43
C VAL B 488 8.24 -10.04 42.75
N ALA B 489 9.05 -9.76 41.72
CA ALA B 489 9.79 -10.79 40.99
C ALA B 489 10.66 -11.62 41.93
N ARG B 490 11.42 -10.94 42.79
CA ARG B 490 12.27 -11.57 43.78
C ARG B 490 11.51 -12.46 44.75
N LEU B 491 10.37 -11.98 45.25
CA LEU B 491 9.51 -12.77 46.13
C LEU B 491 8.92 -14.00 45.44
N LEU B 492 8.59 -13.86 44.14
CA LEU B 492 8.00 -14.97 43.41
C LEU B 492 9.04 -15.94 42.80
N GLY B 493 10.33 -15.59 42.84
CA GLY B 493 11.38 -16.39 42.24
C GLY B 493 11.41 -16.32 40.72
N VAL B 494 10.97 -15.19 40.17
CA VAL B 494 10.97 -14.97 38.73
C VAL B 494 11.78 -13.71 38.44
N ILE B 495 11.91 -13.36 37.16
CA ILE B 495 12.79 -12.30 36.70
C ILE B 495 11.91 -11.17 36.18
N ALA B 496 12.13 -9.95 36.68
CA ALA B 496 11.27 -8.82 36.41
C ALA B 496 11.30 -8.50 34.93
C1 IPA C . -8.18 -6.85 -12.86
C2 IPA C . -7.00 -7.64 -13.23
C3 IPA C . -6.76 -8.73 -12.25
O2 IPA C . -5.85 -6.79 -13.38
C1 IPA D . -6.82 9.02 13.11
C2 IPA D . -7.88 8.71 12.12
C3 IPA D . -8.25 9.84 11.23
O2 IPA D . -9.05 8.26 12.81
#